data_3EFX
#
_entry.id   3EFX
#
_cell.length_a   110.200
_cell.length_b   70.100
_cell.length_c   137.400
_cell.angle_alpha   90.00
_cell.angle_beta   92.90
_cell.angle_gamma   90.00
#
_symmetry.space_group_name_H-M   'C 1 2 1'
#
loop_
_entity.id
_entity.type
_entity.pdbx_description
1 polymer 'Cholera enterotoxin subunit B, Heat-labile enterotoxin B chain'
2 branched alpha-L-fucopyranose-(1-2)-[2-acetamido-2-deoxy-alpha-D-galactopyranose-(1-3)]beta-D-galactopyranose-(1-4)-[alpha-L-fucopyranose-(1-3)]beta-D-glucopyranose
3 water water
#
_entity_poly.entity_id   1
_entity_poly.type   'polypeptide(L)'
_entity_poly.pdbx_seq_one_letter_code
;APQNITELCSEYHNTQIYTINDKILSYTESLAGKREMAIITFKNGATFQVEVPGSQHIDSQKKAIERMKDTLRIAYLTEA
KVEKLCVWNNKTPNSIAAISMAN
;
_entity_poly.pdbx_strand_id   D,E,F,G,H,I,J,K,L,M
#
# COMPACT_ATOMS: atom_id res chain seq x y z
N ALA A 1 -5.01 29.52 22.18
CA ALA A 1 -4.20 28.31 22.41
C ALA A 1 -2.89 28.43 21.63
N PRO A 2 -1.84 27.68 22.04
CA PRO A 2 -0.63 27.70 21.20
C PRO A 2 -0.91 27.30 19.75
N GLN A 3 -0.12 27.83 18.82
CA GLN A 3 -0.37 27.67 17.40
C GLN A 3 0.49 26.58 16.76
N ASN A 4 1.47 26.10 17.52
CA ASN A 4 2.37 25.07 17.03
C ASN A 4 3.04 24.38 18.23
N ILE A 5 3.79 23.31 17.97
CA ILE A 5 4.43 22.56 19.07
C ILE A 5 5.45 23.39 19.88
N THR A 6 6.12 24.34 19.23
CA THR A 6 7.15 25.12 19.95
C THR A 6 6.55 26.05 20.98
N GLU A 7 5.47 26.74 20.60
CA GLU A 7 4.75 27.61 21.52
C GLU A 7 4.17 26.84 22.67
N LEU A 8 3.59 25.68 22.33
CA LEU A 8 3.04 24.82 23.36
C LEU A 8 4.12 24.43 24.37
N CYS A 9 5.26 23.97 23.83
CA CYS A 9 6.35 23.44 24.63
C CYS A 9 6.88 24.55 25.53
N SER A 10 6.90 25.77 24.99
CA SER A 10 7.44 26.92 25.73
C SER A 10 6.62 27.26 26.98
N GLU A 11 5.37 26.80 27.04
CA GLU A 11 4.51 27.05 28.20
C GLU A 11 4.87 26.25 29.43
N TYR A 12 5.77 25.27 29.27
CA TYR A 12 6.06 24.29 30.33
C TYR A 12 7.48 24.36 30.85
N HIS A 13 7.65 24.04 32.13
CA HIS A 13 8.95 23.95 32.73
C HIS A 13 9.60 22.63 32.38
N ASN A 14 10.93 22.63 32.32
CA ASN A 14 11.72 21.40 32.15
C ASN A 14 11.50 20.73 30.79
N THR A 15 11.19 21.52 29.76
CA THR A 15 10.98 20.96 28.41
C THR A 15 12.00 21.47 27.39
N GLN A 16 12.13 20.74 26.29
CA GLN A 16 12.90 21.22 25.15
C GLN A 16 12.33 20.64 23.89
N ILE A 17 12.57 21.35 22.80
CA ILE A 17 12.29 20.87 21.46
C ILE A 17 13.50 20.15 20.89
N TYR A 18 13.28 18.92 20.40
CA TYR A 18 14.26 18.23 19.56
C TYR A 18 13.71 18.34 18.15
N THR A 19 14.50 18.90 17.24
CA THR A 19 14.09 18.96 15.85
C THR A 19 14.78 17.78 15.15
N ILE A 20 13.94 16.81 14.77
CA ILE A 20 14.39 15.50 14.33
C ILE A 20 14.37 15.38 12.81
N ASN A 21 13.26 15.78 12.19
CA ASN A 21 13.06 15.58 10.74
C ASN A 21 13.51 14.23 10.21
N ASP A 22 13.01 13.16 10.80
CA ASP A 22 13.42 11.81 10.42
C ASP A 22 12.34 10.84 10.87
N LYS A 23 12.28 9.67 10.24
CA LYS A 23 11.39 8.60 10.72
C LYS A 23 11.96 8.02 12.00
N ILE A 24 11.11 7.33 12.76
CA ILE A 24 11.50 6.61 13.97
C ILE A 24 12.30 5.37 13.60
N LEU A 25 13.45 5.21 14.26
CA LEU A 25 14.36 4.07 14.04
C LEU A 25 13.89 2.78 14.71
N SER A 26 13.50 2.89 15.97
CA SER A 26 13.01 1.72 16.70
C SER A 26 11.81 2.11 17.57
N TYR A 27 10.89 1.16 17.71
CA TYR A 27 9.74 1.32 18.60
C TYR A 27 9.70 0.14 19.59
N THR A 28 9.60 0.45 20.89
CA THR A 28 9.64 -0.56 21.95
C THR A 28 8.45 -0.29 22.84
N GLU A 29 7.78 -1.37 23.24
CA GLU A 29 6.60 -1.25 24.07
C GLU A 29 6.60 -2.38 25.12
N SER A 30 6.19 -2.04 26.34
CA SER A 30 6.26 -2.97 27.49
C SER A 30 4.92 -3.01 28.21
N LEU A 31 4.46 -4.21 28.54
CA LEU A 31 3.32 -4.37 29.44
C LEU A 31 3.72 -4.80 30.87
N ALA A 32 5.03 -4.92 31.10
CA ALA A 32 5.54 -5.42 32.37
C ALA A 32 5.18 -4.50 33.52
N GLY A 33 4.79 -5.08 34.66
CA GLY A 33 4.29 -4.33 35.79
C GLY A 33 5.21 -3.18 36.17
N LYS A 34 4.61 -2.01 36.36
CA LYS A 34 5.32 -0.77 36.71
C LYS A 34 6.16 -0.18 35.56
N ARG A 35 6.28 -0.93 34.46
CA ARG A 35 7.00 -0.45 33.28
C ARG A 35 6.12 -0.46 32.02
N GLU A 36 4.85 -0.10 32.16
CA GLU A 36 3.94 -0.01 31.01
C GLU A 36 4.28 1.28 30.26
N MET A 37 5.27 1.17 29.38
CA MET A 37 5.92 2.32 28.76
C MET A 37 6.23 2.03 27.29
N ALA A 38 6.52 3.11 26.56
CA ALA A 38 6.95 3.03 25.19
C ALA A 38 8.31 3.75 25.08
N ILE A 39 9.20 3.21 24.25
CA ILE A 39 10.51 3.81 23.97
C ILE A 39 10.70 3.96 22.47
N ILE A 40 11.19 5.11 22.04
CA ILE A 40 11.54 5.26 20.64
C ILE A 40 12.96 5.78 20.52
N THR A 41 13.64 5.37 19.45
CA THR A 41 14.99 5.88 19.16
C THR A 41 15.06 6.46 17.77
N PHE A 42 16.05 7.33 17.55
CA PHE A 42 16.32 7.88 16.21
C PHE A 42 17.75 7.62 15.79
N LYS A 43 17.97 7.62 14.48
CA LYS A 43 19.29 7.41 13.91
C LYS A 43 20.35 8.39 14.47
N ASN A 44 19.91 9.58 14.91
CA ASN A 44 20.83 10.60 15.45
C ASN A 44 21.30 10.29 16.88
N GLY A 45 20.86 9.16 17.44
CA GLY A 45 21.24 8.79 18.82
C GLY A 45 20.27 9.11 19.95
N ALA A 46 19.16 9.77 19.62
CA ALA A 46 18.18 10.20 20.62
C ALA A 46 17.30 9.01 21.07
N THR A 47 17.04 8.94 22.37
CA THR A 47 16.11 7.94 22.95
C THR A 47 15.06 8.69 23.74
N PHE A 48 13.79 8.42 23.48
CA PHE A 48 12.70 9.05 24.24
C PHE A 48 11.71 8.01 24.78
N GLN A 49 11.06 8.33 25.89
CA GLN A 49 10.01 7.48 26.42
C GLN A 49 8.63 8.17 26.45
N VAL A 50 7.57 7.36 26.47
CA VAL A 50 6.31 7.84 26.98
C VAL A 50 6.24 7.22 28.36
N GLU A 51 6.21 8.06 29.38
CA GLU A 51 6.23 7.61 30.78
C GLU A 51 5.03 6.73 31.14
N VAL A 52 5.28 5.78 32.05
CA VAL A 52 4.20 5.02 32.67
C VAL A 52 3.28 6.03 33.35
N PRO A 53 1.97 6.00 33.06
CA PRO A 53 1.08 7.02 33.65
C PRO A 53 1.09 6.99 35.18
N GLY A 54 1.01 8.17 35.80
CA GLY A 54 1.14 8.28 37.26
C GLY A 54 0.28 9.37 37.88
N GLN A 61 -5.35 13.58 31.04
CA GLN A 61 -4.00 13.20 30.63
C GLN A 61 -3.86 11.70 30.33
N LYS A 62 -4.65 10.87 31.01
CA LYS A 62 -4.58 9.43 30.84
C LYS A 62 -4.89 9.00 29.40
N LYS A 63 -6.01 9.50 28.85
CA LYS A 63 -6.37 9.26 27.44
C LYS A 63 -5.33 9.81 26.46
N ALA A 64 -4.78 10.99 26.76
CA ALA A 64 -3.77 11.59 25.87
C ALA A 64 -2.48 10.78 25.87
N ILE A 65 -2.14 10.19 27.01
CA ILE A 65 -0.94 9.34 27.09
C ILE A 65 -1.12 8.06 26.25
N GLU A 66 -2.33 7.52 26.27
CA GLU A 66 -2.65 6.33 25.48
C GLU A 66 -2.66 6.68 23.99
N ARG A 67 -3.25 7.83 23.66
CA ARG A 67 -3.23 8.32 22.28
C ARG A 67 -1.81 8.50 21.74
N MET A 68 -0.92 9.02 22.56
CA MET A 68 0.46 9.28 22.14
C MET A 68 1.14 7.96 21.80
N LYS A 69 0.96 6.94 22.65
CA LYS A 69 1.50 5.61 22.32
C LYS A 69 0.95 5.06 20.99
N ASP A 70 -0.35 5.27 20.74
CA ASP A 70 -0.95 4.86 19.47
C ASP A 70 -0.27 5.59 18.30
N THR A 71 -0.11 6.89 18.45
CA THR A 71 0.53 7.75 17.43
C THR A 71 1.96 7.32 17.14
N LEU A 72 2.73 7.04 18.19
CA LEU A 72 4.10 6.64 17.97
C LEU A 72 4.18 5.30 17.23
N ARG A 73 3.28 4.39 17.59
CA ARG A 73 3.32 3.07 16.97
C ARG A 73 3.00 3.18 15.46
N ILE A 74 1.93 3.89 15.11
CA ILE A 74 1.55 4.05 13.69
C ILE A 74 2.56 4.91 12.89
N ALA A 75 3.07 5.98 13.50
CA ALA A 75 4.18 6.74 12.86
C ALA A 75 5.34 5.80 12.50
N TYR A 76 5.72 4.97 13.45
CA TYR A 76 6.84 4.04 13.26
C TYR A 76 6.53 3.07 12.13
N LEU A 77 5.35 2.45 12.16
CA LEU A 77 5.03 1.44 11.15
C LEU A 77 4.85 2.02 9.76
N THR A 78 4.40 3.28 9.69
CA THR A 78 4.21 3.92 8.38
C THR A 78 5.47 4.68 7.91
N GLU A 79 6.51 4.68 8.73
CA GLU A 79 7.75 5.40 8.44
C GLU A 79 7.49 6.90 8.28
N ALA A 80 6.54 7.41 9.09
CA ALA A 80 6.21 8.84 9.09
C ALA A 80 7.35 9.70 9.68
N LYS A 81 7.69 10.77 8.95
CA LYS A 81 8.74 11.68 9.37
C LYS A 81 8.26 12.49 10.56
N VAL A 82 9.02 12.38 11.64
CA VAL A 82 8.76 13.18 12.85
C VAL A 82 9.50 14.49 12.62
N GLU A 83 8.78 15.59 12.71
CA GLU A 83 9.37 16.93 12.65
C GLU A 83 10.06 17.27 13.97
N LYS A 84 9.27 17.51 14.99
CA LYS A 84 9.76 17.94 16.31
C LYS A 84 9.15 17.13 17.46
N LEU A 85 9.92 17.00 18.54
CA LEU A 85 9.42 16.46 19.79
C LEU A 85 9.60 17.50 20.88
N CYS A 86 8.53 17.74 21.63
CA CYS A 86 8.66 18.48 22.86
C CYS A 86 8.77 17.44 23.96
N VAL A 87 9.86 17.52 24.74
CA VAL A 87 10.15 16.52 25.74
C VAL A 87 10.49 17.15 27.10
N TRP A 88 10.13 16.44 28.18
CA TRP A 88 10.67 16.79 29.51
C TRP A 88 12.10 16.26 29.65
N ASN A 89 13.05 17.14 29.99
CA ASN A 89 14.43 16.73 30.08
C ASN A 89 14.90 16.41 31.49
N ASN A 90 14.00 16.48 32.47
CA ASN A 90 14.28 15.99 33.84
C ASN A 90 13.97 14.49 34.03
N LYS A 91 13.83 13.76 32.92
CA LYS A 91 13.64 12.32 32.95
C LYS A 91 14.67 11.70 32.03
N THR A 92 15.10 10.48 32.36
CA THR A 92 15.90 9.66 31.45
C THR A 92 15.21 8.32 31.16
N PRO A 93 14.91 8.04 29.88
CA PRO A 93 15.08 8.92 28.70
C PRO A 93 14.17 10.14 28.84
N ASN A 94 14.45 11.20 28.08
CA ASN A 94 13.57 12.37 28.13
C ASN A 94 12.15 11.88 27.78
N SER A 95 11.15 12.49 28.39
CA SER A 95 9.76 11.99 28.33
C SER A 95 8.92 12.86 27.36
N ILE A 96 8.22 12.21 26.43
CA ILE A 96 7.49 12.94 25.36
C ILE A 96 6.23 13.68 25.84
N ALA A 97 6.18 14.99 25.58
CA ALA A 97 5.03 15.82 25.90
C ALA A 97 4.19 16.06 24.65
N ALA A 98 4.85 16.19 23.50
CA ALA A 98 4.16 16.50 22.25
C ALA A 98 4.99 16.08 21.07
N ILE A 99 4.33 15.88 19.93
CA ILE A 99 5.01 15.44 18.70
C ILE A 99 4.41 16.22 17.53
N SER A 100 5.24 16.62 16.57
CA SER A 100 4.73 17.13 15.30
C SER A 100 5.26 16.26 14.17
N MET A 101 4.43 16.08 13.14
CA MET A 101 4.82 15.34 11.95
C MET A 101 4.53 16.19 10.71
N ALA A 102 5.51 16.24 9.81
CA ALA A 102 5.46 17.02 8.58
C ALA A 102 6.48 16.40 7.61
N ALA B 1 -32.31 15.98 10.42
CA ALA B 1 -30.99 16.51 10.80
C ALA B 1 -30.27 17.05 9.57
N PRO B 2 -29.19 17.83 9.76
CA PRO B 2 -28.41 18.30 8.61
C PRO B 2 -27.93 17.14 7.72
N GLN B 3 -27.78 17.42 6.45
CA GLN B 3 -27.42 16.40 5.50
C GLN B 3 -26.07 16.62 4.84
N ASN B 4 -25.41 17.70 5.23
CA ASN B 4 -24.05 18.02 4.72
C ASN B 4 -23.34 18.92 5.69
N ILE B 5 -22.02 19.07 5.51
CA ILE B 5 -21.26 19.88 6.44
C ILE B 5 -21.66 21.36 6.39
N THR B 6 -21.98 21.86 5.19
CA THR B 6 -22.35 23.28 5.01
C THR B 6 -23.65 23.60 5.75
N GLU B 7 -24.66 22.75 5.56
CA GLU B 7 -25.92 22.84 6.29
C GLU B 7 -25.69 22.71 7.80
N LEU B 8 -24.85 21.75 8.20
CA LEU B 8 -24.55 21.52 9.60
C LEU B 8 -23.86 22.73 10.21
N CYS B 9 -22.89 23.29 9.49
CA CYS B 9 -22.10 24.40 10.01
C CYS B 9 -22.99 25.59 10.36
N SER B 10 -23.93 25.89 9.48
CA SER B 10 -24.77 27.07 9.65
C SER B 10 -25.79 26.94 10.78
N GLU B 11 -25.80 25.80 11.48
CA GLU B 11 -26.69 25.64 12.63
C GLU B 11 -26.00 26.02 13.91
N TYR B 12 -24.75 26.47 13.79
CA TYR B 12 -24.00 26.93 14.95
C TYR B 12 -23.59 28.37 14.74
N HIS B 13 -23.24 29.03 15.83
CA HIS B 13 -22.74 30.39 15.76
C HIS B 13 -21.25 30.41 15.89
N ASN B 14 -20.65 31.48 15.40
CA ASN B 14 -19.20 31.64 15.34
C ASN B 14 -18.50 30.62 14.48
N THR B 15 -19.18 30.12 13.45
CA THR B 15 -18.58 29.14 12.56
C THR B 15 -18.45 29.64 11.13
N GLN B 16 -17.52 29.05 10.41
CA GLN B 16 -17.48 29.15 8.96
C GLN B 16 -16.91 27.89 8.33
N ILE B 17 -17.17 27.73 7.04
CA ILE B 17 -16.57 26.69 6.24
C ILE B 17 -15.29 27.16 5.58
N TYR B 18 -14.18 26.47 5.85
CA TYR B 18 -13.00 26.58 4.99
C TYR B 18 -13.07 25.49 3.96
N THR B 19 -13.07 25.86 2.69
CA THR B 19 -13.00 24.84 1.65
C THR B 19 -11.52 24.63 1.32
N ILE B 20 -11.01 23.46 1.67
CA ILE B 20 -9.57 23.21 1.69
C ILE B 20 -9.17 22.49 0.43
N ASN B 21 -9.85 21.39 0.13
CA ASN B 21 -9.50 20.55 -1.01
C ASN B 21 -8.01 20.23 -1.11
N ASP B 22 -7.44 19.72 -0.02
CA ASP B 22 -6.02 19.48 0.05
C ASP B 22 -5.75 18.52 1.19
N LYS B 23 -4.60 17.85 1.15
CA LYS B 23 -4.17 17.04 2.29
C LYS B 23 -3.66 17.90 3.42
N ILE B 24 -3.66 17.33 4.63
CA ILE B 24 -3.03 17.99 5.79
C ILE B 24 -1.51 18.06 5.64
N LEU B 25 -0.94 19.25 5.89
CA LEU B 25 0.51 19.46 5.76
C LEU B 25 1.28 18.97 6.98
N SER B 26 0.73 19.25 8.17
CA SER B 26 1.33 18.80 9.40
C SER B 26 0.28 18.43 10.45
N TYR B 27 0.65 17.53 11.35
CA TYR B 27 -0.22 17.07 12.43
C TYR B 27 0.60 17.09 13.70
N THR B 28 0.04 17.69 14.74
CA THR B 28 0.72 17.90 16.02
C THR B 28 -0.28 17.47 17.12
N GLU B 29 0.21 16.72 18.11
CA GLU B 29 -0.62 16.39 19.25
C GLU B 29 0.16 16.45 20.56
N SER B 30 -0.54 16.74 21.65
CA SER B 30 0.11 16.92 22.93
C SER B 30 -0.64 16.22 24.03
N LEU B 31 0.10 15.64 24.97
CA LEU B 31 -0.44 15.04 26.18
C LEU B 31 -0.11 15.87 27.42
N ALA B 32 0.54 17.02 27.21
CA ALA B 32 0.90 17.91 28.31
C ALA B 32 -0.36 18.47 29.00
N GLY B 33 -0.36 18.46 30.33
CA GLY B 33 -1.55 18.82 31.09
C GLY B 33 -2.13 20.19 30.77
N LYS B 34 -3.45 20.21 30.55
CA LYS B 34 -4.23 21.39 30.17
C LYS B 34 -4.04 21.79 28.71
N ARG B 35 -3.11 21.11 28.03
CA ARG B 35 -2.90 21.34 26.61
C ARG B 35 -3.02 20.03 25.86
N GLU B 36 -4.03 19.24 26.21
CA GLU B 36 -4.29 17.97 25.53
C GLU B 36 -5.05 18.27 24.23
N MET B 37 -4.29 18.55 23.18
CA MET B 37 -4.82 19.19 22.00
C MET B 37 -4.10 18.69 20.77
N ALA B 38 -4.76 18.83 19.63
CA ALA B 38 -4.15 18.53 18.35
C ALA B 38 -4.19 19.81 17.55
N ILE B 39 -3.23 19.94 16.64
CA ILE B 39 -3.08 21.09 15.76
C ILE B 39 -2.76 20.56 14.38
N ILE B 40 -3.46 21.04 13.37
CA ILE B 40 -3.12 20.72 11.97
C ILE B 40 -2.83 21.99 11.19
N THR B 41 -2.02 21.87 10.13
CA THR B 41 -1.82 22.98 9.20
C THR B 41 -2.02 22.53 7.78
N PHE B 42 -2.20 23.50 6.88
CA PHE B 42 -2.34 23.24 5.47
C PHE B 42 -1.36 24.13 4.69
N LYS B 43 -1.04 23.70 3.46
CA LYS B 43 -0.21 24.48 2.51
C LYS B 43 -0.64 25.96 2.34
N ASN B 44 -1.95 26.22 2.41
CA ASN B 44 -2.48 27.57 2.21
C ASN B 44 -2.25 28.52 3.39
N GLY B 45 -1.61 28.04 4.46
CA GLY B 45 -1.23 28.88 5.61
C GLY B 45 -2.14 28.78 6.83
N ALA B 46 -3.13 27.87 6.77
CA ALA B 46 -4.15 27.79 7.83
C ALA B 46 -3.68 26.88 8.96
N THR B 47 -4.02 27.25 10.19
CA THR B 47 -3.70 26.44 11.36
C THR B 47 -5.02 26.24 12.10
N PHE B 48 -5.34 24.98 12.42
CA PHE B 48 -6.55 24.65 13.16
C PHE B 48 -6.23 23.78 14.36
N GLN B 49 -7.06 23.89 15.41
CA GLN B 49 -6.92 23.06 16.61
C GLN B 49 -8.13 22.15 16.86
N VAL B 50 -7.90 21.06 17.60
CA VAL B 50 -8.99 20.36 18.29
C VAL B 50 -8.81 20.75 19.74
N GLU B 51 -9.78 21.50 20.26
CA GLU B 51 -9.64 22.12 21.58
C GLU B 51 -9.48 21.08 22.69
N VAL B 52 -8.72 21.44 23.71
CA VAL B 52 -8.66 20.63 24.94
C VAL B 52 -10.09 20.41 25.43
N PRO B 53 -10.46 19.14 25.74
CA PRO B 53 -11.87 18.81 25.99
C PRO B 53 -12.51 19.58 27.15
N SER B 60 -18.80 11.07 25.27
CA SER B 60 -19.98 11.27 24.42
C SER B 60 -19.74 12.40 23.43
N GLN B 61 -19.84 13.63 23.93
CA GLN B 61 -19.16 14.75 23.30
C GLN B 61 -17.66 14.51 23.53
N LYS B 62 -17.31 13.98 24.70
CA LYS B 62 -15.93 13.58 24.99
C LYS B 62 -15.37 12.64 23.92
N LYS B 63 -16.15 11.62 23.57
CA LYS B 63 -15.76 10.63 22.58
C LYS B 63 -15.72 11.22 21.16
N ALA B 64 -16.57 12.20 20.88
CA ALA B 64 -16.57 12.85 19.58
C ALA B 64 -15.25 13.58 19.34
N ILE B 65 -14.71 14.15 20.42
CA ILE B 65 -13.46 14.92 20.38
C ILE B 65 -12.26 13.98 20.17
N GLU B 66 -12.27 12.85 20.87
CA GLU B 66 -11.25 11.82 20.66
C GLU B 66 -11.31 11.27 19.24
N ARG B 67 -12.53 11.01 18.76
CA ARG B 67 -12.71 10.57 17.40
C ARG B 67 -12.15 11.58 16.39
N MET B 68 -12.41 12.87 16.60
CA MET B 68 -11.92 13.87 15.66
C MET B 68 -10.42 13.79 15.54
N LYS B 69 -9.72 13.70 16.66
CA LYS B 69 -8.28 13.57 16.64
C LYS B 69 -7.80 12.29 15.95
N ASP B 70 -8.51 11.17 16.18
CA ASP B 70 -8.21 9.92 15.46
C ASP B 70 -8.34 10.13 13.96
N THR B 71 -9.43 10.79 13.58
CA THR B 71 -9.71 11.10 12.17
C THR B 71 -8.61 11.95 11.52
N LEU B 72 -8.16 13.00 12.20
CA LEU B 72 -7.12 13.88 11.64
C LEU B 72 -5.77 13.17 11.51
N ARG B 73 -5.44 12.35 12.50
CA ARG B 73 -4.20 11.59 12.45
C ARG B 73 -4.16 10.66 11.24
N ILE B 74 -5.24 9.89 11.06
CA ILE B 74 -5.31 8.93 9.94
C ILE B 74 -5.42 9.64 8.57
N ALA B 75 -6.19 10.74 8.53
CA ALA B 75 -6.24 11.54 7.30
C ALA B 75 -4.82 12.06 6.99
N TYR B 76 -4.10 12.49 8.02
CA TYR B 76 -2.75 13.00 7.83
C TYR B 76 -1.85 11.88 7.29
N LEU B 77 -1.86 10.73 7.96
CA LEU B 77 -0.97 9.64 7.57
C LEU B 77 -1.25 9.06 6.21
N THR B 78 -2.51 9.10 5.79
CA THR B 78 -2.88 8.50 4.49
C THR B 78 -2.93 9.55 3.36
N GLU B 79 -2.60 10.80 3.70
CA GLU B 79 -2.72 11.95 2.79
C GLU B 79 -4.11 12.07 2.18
N ALA B 80 -5.13 11.86 3.00
CA ALA B 80 -6.51 11.95 2.53
C ALA B 80 -6.82 13.42 2.26
N LYS B 81 -7.45 13.68 1.13
CA LYS B 81 -7.87 15.03 0.79
C LYS B 81 -9.03 15.44 1.69
N VAL B 82 -8.81 16.53 2.43
CA VAL B 82 -9.84 17.20 3.22
C VAL B 82 -10.63 18.10 2.30
N GLU B 83 -11.95 17.96 2.31
CA GLU B 83 -12.80 18.78 1.48
C GLU B 83 -13.07 20.11 2.16
N LYS B 84 -13.87 20.05 3.23
CA LYS B 84 -14.21 21.22 4.04
C LYS B 84 -13.99 21.01 5.53
N LEU B 85 -13.74 22.10 6.24
CA LEU B 85 -13.79 22.12 7.69
C LEU B 85 -14.79 23.17 8.11
N CYS B 86 -15.63 22.82 9.07
CA CYS B 86 -16.46 23.78 9.81
C CYS B 86 -15.69 24.07 11.08
N VAL B 87 -15.41 25.35 11.29
CA VAL B 87 -14.62 25.77 12.42
C VAL B 87 -15.27 26.91 13.21
N TRP B 88 -14.95 26.97 14.51
CA TRP B 88 -15.29 28.11 15.34
C TRP B 88 -14.18 29.15 15.16
N ASN B 89 -14.56 30.33 14.65
CA ASN B 89 -13.58 31.39 14.39
C ASN B 89 -13.41 32.38 15.56
N ASN B 90 -14.03 32.07 16.70
CA ASN B 90 -13.78 32.81 17.94
C ASN B 90 -12.73 32.16 18.83
N LYS B 91 -11.91 31.30 18.22
CA LYS B 91 -10.78 30.69 18.91
C LYS B 91 -9.56 30.82 18.02
N THR B 92 -8.39 30.75 18.64
CA THR B 92 -7.10 30.86 17.96
C THR B 92 -6.17 29.76 18.46
N PRO B 93 -5.75 28.84 17.56
CA PRO B 93 -6.19 28.70 16.15
C PRO B 93 -7.69 28.43 16.09
N ASN B 94 -8.31 28.64 14.93
CA ASN B 94 -9.72 28.27 14.78
C ASN B 94 -9.95 26.81 15.19
N SER B 95 -11.10 26.55 15.83
CA SER B 95 -11.43 25.25 16.41
C SER B 95 -12.32 24.40 15.52
N ILE B 96 -11.91 23.16 15.26
CA ILE B 96 -12.63 22.32 14.33
C ILE B 96 -13.89 21.78 15.00
N ALA B 97 -15.03 22.04 14.36
CA ALA B 97 -16.35 21.49 14.73
C ALA B 97 -16.73 20.25 13.93
N ALA B 98 -16.41 20.27 12.63
CA ALA B 98 -16.74 19.20 11.70
C ALA B 98 -15.73 19.16 10.55
N ILE B 99 -15.66 18.01 9.88
CA ILE B 99 -14.78 17.79 8.74
C ILE B 99 -15.50 16.95 7.69
N SER B 100 -15.27 17.27 6.43
CA SER B 100 -15.75 16.45 5.33
C SER B 100 -14.58 16.04 4.45
N MET B 101 -14.67 14.82 3.94
CA MET B 101 -13.68 14.28 3.06
C MET B 101 -14.40 13.72 1.85
N ALA B 102 -13.97 14.11 0.66
CA ALA B 102 -14.67 13.69 -0.55
C ALA B 102 -13.72 13.17 -1.65
N ALA C 1 -29.31 -17.18 14.73
CA ALA C 1 -29.15 -15.73 14.39
C ALA C 1 -29.38 -15.51 12.88
N PRO C 2 -29.61 -14.25 12.46
CA PRO C 2 -29.68 -13.97 11.03
C PRO C 2 -28.37 -14.34 10.32
N GLN C 3 -28.47 -14.81 9.08
CA GLN C 3 -27.32 -15.27 8.30
C GLN C 3 -26.75 -14.17 7.40
N ASN C 4 -27.48 -13.07 7.23
CA ASN C 4 -27.07 -11.97 6.36
C ASN C 4 -27.81 -10.69 6.71
N ILE C 5 -27.44 -9.58 6.06
CA ILE C 5 -27.98 -8.26 6.42
C ILE C 5 -29.50 -8.12 6.17
N THR C 6 -29.96 -8.71 5.08
CA THR C 6 -31.40 -8.66 4.71
C THR C 6 -32.31 -9.35 5.76
N GLU C 7 -31.88 -10.52 6.24
CA GLU C 7 -32.57 -11.22 7.34
C GLU C 7 -32.56 -10.42 8.62
N LEU C 8 -31.38 -9.88 8.98
CA LEU C 8 -31.27 -9.05 10.19
C LEU C 8 -32.22 -7.85 10.14
N CYS C 9 -32.14 -7.10 9.04
CA CYS C 9 -32.90 -5.88 8.83
C CYS C 9 -34.41 -6.09 8.99
N SER C 10 -34.90 -7.23 8.48
CA SER C 10 -36.32 -7.65 8.60
C SER C 10 -36.84 -7.74 10.03
N GLU C 11 -35.96 -7.94 10.99
CA GLU C 11 -36.40 -8.11 12.39
C GLU C 11 -36.77 -6.81 13.11
N TYR C 12 -36.65 -5.67 12.42
CA TYR C 12 -36.95 -4.36 13.02
C TYR C 12 -38.05 -3.62 12.29
N HIS C 13 -38.73 -2.73 13.01
CA HIS C 13 -39.76 -1.88 12.43
C HIS C 13 -39.10 -0.59 11.87
N ASN C 14 -39.64 -0.10 10.76
CA ASN C 14 -39.20 1.17 10.17
C ASN C 14 -37.76 1.10 9.64
N THR C 15 -37.36 -0.10 9.23
CA THR C 15 -36.09 -0.29 8.57
C THR C 15 -36.32 -0.54 7.09
N GLN C 16 -35.28 -0.29 6.28
CA GLN C 16 -35.22 -0.79 4.92
C GLN C 16 -33.77 -1.02 4.49
N ILE C 17 -33.60 -1.93 3.54
CA ILE C 17 -32.33 -2.19 2.91
C ILE C 17 -32.22 -1.29 1.70
N TYR C 18 -31.04 -0.69 1.54
CA TYR C 18 -30.63 -0.02 0.31
C TYR C 18 -29.49 -0.83 -0.30
N THR C 19 -29.65 -1.18 -1.56
CA THR C 19 -28.55 -1.82 -2.26
C THR C 19 -27.69 -0.74 -2.88
N ILE C 20 -26.41 -0.70 -2.52
CA ILE C 20 -25.50 0.37 -2.93
C ILE C 20 -24.48 -0.11 -3.96
N ASN C 21 -23.72 -1.14 -3.60
CA ASN C 21 -22.65 -1.69 -4.43
C ASN C 21 -21.69 -0.60 -5.00
N ASP C 22 -21.25 0.25 -4.09
CA ASP C 22 -20.36 1.36 -4.45
C ASP C 22 -19.53 1.77 -3.25
N LYS C 23 -18.37 2.39 -3.51
CA LYS C 23 -17.57 3.00 -2.44
C LYS C 23 -18.28 4.28 -1.95
N ILE C 24 -17.95 4.70 -0.73
CA ILE C 24 -18.48 5.94 -0.16
C ILE C 24 -17.87 7.12 -0.94
N LEU C 25 -18.74 8.05 -1.36
CA LEU C 25 -18.32 9.27 -2.06
C LEU C 25 -17.79 10.32 -1.07
N SER C 26 -18.48 10.55 0.03
CA SER C 26 -17.98 11.49 1.02
C SER C 26 -18.18 10.98 2.43
N TYR C 27 -17.29 11.40 3.33
CA TYR C 27 -17.43 11.08 4.76
C TYR C 27 -17.38 12.39 5.53
N THR C 28 -18.42 12.63 6.33
CA THR C 28 -18.51 13.84 7.17
C THR C 28 -18.68 13.47 8.64
N GLU C 29 -17.94 14.16 9.51
CA GLU C 29 -17.90 13.84 10.92
C GLU C 29 -17.96 15.14 11.69
N SER C 30 -18.82 15.18 12.72
CA SER C 30 -19.02 16.40 13.51
C SER C 30 -18.93 16.11 15.00
N LEU C 31 -18.21 16.96 15.74
CA LEU C 31 -18.14 16.87 17.20
C LEU C 31 -19.04 17.90 17.91
N ALA C 32 -19.66 18.78 17.11
CA ALA C 32 -20.51 19.85 17.62
C ALA C 32 -21.74 19.20 18.24
N GLY C 33 -21.98 19.56 19.49
CA GLY C 33 -22.89 18.84 20.37
C GLY C 33 -24.32 19.04 19.96
N LYS C 34 -25.18 18.11 20.40
CA LYS C 34 -26.55 17.97 19.94
C LYS C 34 -26.59 17.59 18.46
N GLU C 36 -23.42 15.37 17.35
CA GLU C 36 -22.26 14.52 17.12
C GLU C 36 -22.55 13.62 15.92
N MET C 37 -22.68 14.25 14.77
CA MET C 37 -23.15 13.61 13.56
C MET C 37 -22.04 12.85 12.78
N ALA C 38 -22.41 11.72 12.19
CA ALA C 38 -21.62 11.16 11.10
C ALA C 38 -22.50 11.03 9.88
N ILE C 39 -22.02 11.50 8.72
CA ILE C 39 -22.78 11.47 7.48
C ILE C 39 -21.97 10.88 6.32
N ILE C 40 -22.56 9.96 5.56
CA ILE C 40 -21.94 9.47 4.33
C ILE C 40 -22.85 9.73 3.12
N THR C 41 -22.24 9.91 1.95
CA THR C 41 -22.99 10.01 0.70
C THR C 41 -22.44 9.07 -0.32
N PHE C 42 -23.26 8.80 -1.32
CA PHE C 42 -22.87 8.00 -2.46
C PHE C 42 -23.20 8.78 -3.70
N LYS C 43 -22.53 8.40 -4.80
CA LYS C 43 -22.80 9.07 -6.08
C LYS C 43 -24.23 8.86 -6.62
N ASN C 44 -24.91 7.80 -6.16
CA ASN C 44 -26.34 7.57 -6.51
C ASN C 44 -27.27 8.59 -5.84
N GLY C 45 -26.69 9.43 -4.97
CA GLY C 45 -27.39 10.56 -4.36
C GLY C 45 -27.93 10.30 -2.97
N ALA C 46 -27.57 9.14 -2.41
CA ALA C 46 -28.00 8.76 -1.06
C ALA C 46 -27.20 9.42 0.04
N THR C 47 -27.89 9.82 1.11
CA THR C 47 -27.24 10.39 2.27
C THR C 47 -27.71 9.59 3.47
N PHE C 48 -26.75 9.13 4.28
CA PHE C 48 -27.09 8.42 5.51
C PHE C 48 -26.35 9.02 6.67
N GLN C 49 -26.93 8.84 7.85
CA GLN C 49 -26.26 9.23 9.07
C GLN C 49 -26.09 8.05 10.03
N VAL C 50 -25.22 8.25 11.01
CA VAL C 50 -25.14 7.42 12.20
C VAL C 50 -25.56 8.34 13.34
N GLU C 51 -26.66 7.99 14.01
CA GLU C 51 -27.19 8.77 15.14
C GLU C 51 -26.36 8.53 16.39
N VAL C 52 -26.14 9.59 17.18
CA VAL C 52 -25.66 9.40 18.55
C VAL C 52 -26.89 9.25 19.45
N ASP C 59 -23.58 0.83 27.46
CA ASP C 59 -24.57 0.13 26.67
C ASP C 59 -23.90 -0.68 25.57
N SER C 60 -24.48 -1.84 25.32
CA SER C 60 -24.12 -2.67 24.18
C SER C 60 -24.24 -1.85 22.89
N GLN C 61 -25.29 -1.03 22.80
CA GLN C 61 -25.55 -0.22 21.61
C GLN C 61 -24.59 0.96 21.45
N LYS C 62 -24.17 1.55 22.55
CA LYS C 62 -23.26 2.68 22.51
C LYS C 62 -21.90 2.30 21.89
N LYS C 63 -21.41 1.10 22.19
CA LYS C 63 -20.13 0.64 21.63
C LYS C 63 -20.28 0.29 20.17
N ALA C 64 -21.45 -0.23 19.81
CA ALA C 64 -21.78 -0.60 18.44
C ALA C 64 -21.92 0.63 17.54
N ILE C 65 -22.48 1.71 18.09
CA ILE C 65 -22.54 3.00 17.42
C ILE C 65 -21.14 3.56 17.13
N GLU C 66 -20.25 3.54 18.13
CA GLU C 66 -18.88 4.00 17.94
C GLU C 66 -18.13 3.16 16.88
N ARG C 67 -18.32 1.85 16.92
CA ARG C 67 -17.80 0.92 15.90
C ARG C 67 -18.28 1.21 14.46
N MET C 68 -19.59 1.45 14.29
CA MET C 68 -20.13 1.77 12.99
C MET C 68 -19.47 3.04 12.42
N LYS C 69 -19.24 4.04 13.27
CA LYS C 69 -18.56 5.26 12.79
C LYS C 69 -17.10 4.96 12.40
N ASP C 70 -16.42 4.10 13.14
CA ASP C 70 -15.07 3.65 12.77
C ASP C 70 -15.08 2.94 11.43
N THR C 71 -16.04 2.05 11.26
CA THR C 71 -16.15 1.25 10.04
C THR C 71 -16.37 2.14 8.82
N LEU C 72 -17.29 3.08 8.93
CA LEU C 72 -17.53 4.03 7.85
C LEU C 72 -16.28 4.85 7.46
N ARG C 73 -15.55 5.36 8.44
CA ARG C 73 -14.33 6.15 8.17
C ARG C 73 -13.29 5.29 7.46
N ILE C 74 -13.03 4.10 7.99
CA ILE C 74 -12.06 3.20 7.31
C ILE C 74 -12.52 2.64 5.94
N ALA C 75 -13.79 2.29 5.79
CA ALA C 75 -14.37 1.97 4.46
C ALA C 75 -14.16 3.11 3.48
N TYR C 76 -14.46 4.33 3.91
CA TYR C 76 -14.27 5.51 3.06
C TYR C 76 -12.80 5.62 2.59
N LEU C 77 -11.89 5.52 3.54
CA LEU C 77 -10.45 5.74 3.25
C LEU C 77 -9.88 4.61 2.42
N THR C 78 -10.38 3.41 2.63
CA THR C 78 -9.85 2.29 1.85
C THR C 78 -10.60 2.15 0.52
N GLU C 79 -11.63 2.99 0.33
CA GLU C 79 -12.45 2.88 -0.89
C GLU C 79 -13.11 1.49 -1.04
N ALA C 80 -13.44 0.87 0.09
CA ALA C 80 -14.10 -0.43 0.09
C ALA C 80 -15.49 -0.29 -0.51
N LYS C 81 -15.88 -1.24 -1.36
CA LYS C 81 -17.24 -1.33 -1.88
C LYS C 81 -18.28 -1.68 -0.79
N VAL C 82 -19.25 -0.80 -0.60
CA VAL C 82 -20.38 -1.05 0.31
C VAL C 82 -21.44 -1.82 -0.49
N GLU C 83 -21.84 -2.99 0.01
CA GLU C 83 -22.83 -3.80 -0.69
C GLU C 83 -24.23 -3.25 -0.35
N LYS C 84 -24.61 -3.35 0.92
CA LYS C 84 -25.94 -2.91 1.33
C LYS C 84 -25.85 -2.18 2.63
N LEU C 85 -26.87 -1.36 2.91
CA LEU C 85 -27.07 -0.78 4.23
C LEU C 85 -28.47 -1.07 4.73
N CYS C 86 -28.60 -1.27 6.03
CA CYS C 86 -29.89 -1.39 6.67
C CYS C 86 -30.07 -0.13 7.47
N VAL C 87 -31.17 0.57 7.19
CA VAL C 87 -31.35 1.90 7.77
C VAL C 87 -32.77 2.08 8.30
N TRP C 88 -32.89 2.87 9.37
CA TRP C 88 -34.21 3.36 9.80
C TRP C 88 -34.60 4.51 8.89
N ASN C 89 -35.73 4.35 8.20
CA ASN C 89 -36.18 5.31 7.18
C ASN C 89 -37.21 6.30 7.75
N ASN C 90 -37.32 6.33 9.08
CA ASN C 90 -38.14 7.32 9.77
C ASN C 90 -37.29 8.46 10.36
N LYS C 91 -36.10 8.64 9.78
CA LYS C 91 -35.13 9.68 10.17
C LYS C 91 -34.57 10.30 8.88
N THR C 92 -34.13 11.57 8.96
CA THR C 92 -33.58 12.29 7.80
C THR C 92 -32.28 12.98 8.22
N PRO C 93 -31.15 12.60 7.60
CA PRO C 93 -31.02 11.49 6.64
C PRO C 93 -31.40 10.15 7.32
N ASN C 94 -31.66 9.14 6.53
CA ASN C 94 -31.88 7.79 7.07
C ASN C 94 -30.71 7.33 7.94
N SER C 95 -31.04 6.60 9.01
CA SER C 95 -30.11 6.29 10.09
C SER C 95 -29.61 4.85 9.95
N ILE C 96 -28.28 4.67 9.93
CA ILE C 96 -27.68 3.35 9.67
C ILE C 96 -27.80 2.40 10.85
N ALA C 97 -28.45 1.26 10.60
CA ALA C 97 -28.54 0.10 11.52
C ALA C 97 -27.47 -0.99 11.27
N ALA C 98 -27.22 -1.32 10.01
CA ALA C 98 -26.18 -2.30 9.68
C ALA C 98 -25.54 -1.96 8.34
N ILE C 99 -24.35 -2.50 8.08
CA ILE C 99 -23.68 -2.37 6.78
C ILE C 99 -23.13 -3.72 6.34
N SER C 100 -23.15 -3.99 5.05
CA SER C 100 -22.43 -5.13 4.51
C SER C 100 -21.47 -4.65 3.42
N MET C 101 -20.31 -5.29 3.35
CA MET C 101 -19.29 -4.98 2.37
C MET C 101 -18.87 -6.29 1.71
N ALA C 102 -18.80 -6.30 0.37
CA ALA C 102 -18.44 -7.53 -0.35
C ALA C 102 -17.50 -7.24 -1.52
N ALA D 1 -0.48 -22.91 28.57
CA ALA D 1 -1.52 -22.46 27.59
C ALA D 1 -1.40 -23.28 26.31
N PRO D 2 -2.49 -23.31 25.51
CA PRO D 2 -2.35 -23.96 24.21
C PRO D 2 -1.35 -23.20 23.34
N GLN D 3 -0.72 -23.95 22.44
CA GLN D 3 0.36 -23.46 21.60
C GLN D 3 -0.15 -22.97 20.25
N ASN D 4 -1.38 -23.32 19.93
CA ASN D 4 -1.97 -22.97 18.64
C ASN D 4 -3.49 -23.07 18.72
N ILE D 5 -4.14 -22.66 17.64
CA ILE D 5 -5.60 -22.54 17.58
C ILE D 5 -6.30 -23.91 17.69
N THR D 6 -5.67 -24.95 17.17
CA THR D 6 -6.27 -26.30 17.17
C THR D 6 -6.31 -26.87 18.60
N GLU D 7 -5.18 -26.76 19.31
CA GLU D 7 -5.10 -27.12 20.74
C GLU D 7 -6.06 -26.31 21.59
N LEU D 8 -6.13 -25.01 21.31
CA LEU D 8 -7.06 -24.17 22.03
C LEU D 8 -8.49 -24.62 21.78
N CYS D 9 -8.84 -24.80 20.51
CA CYS D 9 -10.19 -25.18 20.14
C CYS D 9 -10.65 -26.47 20.82
N SER D 10 -9.70 -27.41 20.94
CA SER D 10 -9.91 -28.71 21.55
C SER D 10 -10.29 -28.69 23.03
N GLU D 11 -10.07 -27.55 23.71
CA GLU D 11 -10.38 -27.43 25.12
C GLU D 11 -11.85 -27.08 25.38
N TYR D 12 -12.63 -26.93 24.32
CA TYR D 12 -14.00 -26.49 24.43
C TYR D 12 -15.00 -27.50 23.88
N HIS D 13 -16.17 -27.58 24.51
CA HIS D 13 -17.26 -28.41 24.00
C HIS D 13 -17.88 -27.68 22.83
N ASN D 14 -18.43 -28.43 21.88
CA ASN D 14 -19.24 -27.86 20.80
C ASN D 14 -18.46 -26.93 19.89
N THR D 15 -17.20 -27.26 19.67
CA THR D 15 -16.38 -26.48 18.76
C THR D 15 -15.85 -27.36 17.64
N GLN D 16 -15.40 -26.72 16.58
CA GLN D 16 -14.59 -27.40 15.56
C GLN D 16 -13.70 -26.39 14.88
N ILE D 17 -12.69 -26.89 14.17
CA ILE D 17 -11.79 -26.07 13.37
C ILE D 17 -12.26 -26.13 11.91
N TYR D 18 -12.40 -24.96 11.30
CA TYR D 18 -12.50 -24.87 9.85
C TYR D 18 -11.15 -24.39 9.34
N THR D 19 -10.60 -25.13 8.40
CA THR D 19 -9.38 -24.72 7.71
C THR D 19 -9.78 -23.99 6.43
N ILE D 20 -9.54 -22.68 6.42
CA ILE D 20 -10.14 -21.83 5.39
C ILE D 20 -9.12 -21.46 4.29
N ASN D 21 -7.96 -20.97 4.73
CA ASN D 21 -6.88 -20.49 3.85
C ASN D 21 -7.33 -19.61 2.69
N ASP D 22 -8.02 -18.53 3.03
CA ASP D 22 -8.63 -17.64 2.06
C ASP D 22 -8.93 -16.32 2.75
N LYS D 23 -8.99 -15.25 1.98
CA LYS D 23 -9.46 -13.98 2.49
C LYS D 23 -10.98 -14.02 2.72
N ILE D 24 -11.46 -13.06 3.52
CA ILE D 24 -12.89 -12.93 3.80
C ILE D 24 -13.60 -12.39 2.55
N LEU D 25 -14.69 -13.05 2.14
CA LEU D 25 -15.52 -12.57 1.00
C LEU D 25 -16.42 -11.38 1.33
N SER D 26 -17.12 -11.44 2.47
CA SER D 26 -17.98 -10.34 2.89
C SER D 26 -17.90 -10.15 4.39
N TYR D 27 -18.16 -8.91 4.81
CA TYR D 27 -18.10 -8.51 6.18
C TYR D 27 -19.35 -7.69 6.44
N THR D 28 -20.08 -8.03 7.49
CA THR D 28 -21.35 -7.38 7.84
C THR D 28 -21.29 -7.03 9.31
N GLU D 29 -21.76 -5.84 9.68
CA GLU D 29 -21.90 -5.52 11.09
C GLU D 29 -23.16 -4.71 11.35
N SER D 30 -23.66 -4.80 12.58
CA SER D 30 -24.97 -4.29 12.94
C SER D 30 -24.89 -3.63 14.30
N LEU D 31 -25.52 -2.46 14.41
CA LEU D 31 -25.61 -1.78 15.70
C LEU D 31 -27.05 -1.85 16.27
N ALA D 32 -27.94 -2.50 15.55
CA ALA D 32 -29.35 -2.63 15.93
C ALA D 32 -29.51 -3.37 17.27
N GLY D 33 -30.42 -2.88 18.11
CA GLY D 33 -30.62 -3.41 19.47
C GLY D 33 -30.74 -4.93 19.50
N LYS D 34 -30.01 -5.54 20.44
CA LYS D 34 -29.99 -6.99 20.64
C LYS D 34 -29.43 -7.79 19.44
N ARG D 35 -29.03 -7.08 18.39
CA ARG D 35 -28.33 -7.70 17.26
C ARG D 35 -27.01 -6.97 16.98
N GLU D 36 -26.28 -6.58 18.03
CA GLU D 36 -24.96 -5.98 17.85
C GLU D 36 -23.99 -7.09 17.54
N MET D 37 -23.92 -7.43 16.25
CA MET D 37 -23.25 -8.61 15.74
C MET D 37 -22.50 -8.34 14.43
N ALA D 38 -21.57 -9.24 14.12
CA ALA D 38 -20.83 -9.22 12.89
C ALA D 38 -21.02 -10.57 12.22
N ILE D 39 -21.05 -10.55 10.89
CA ILE D 39 -21.15 -11.75 10.09
C ILE D 39 -20.08 -11.68 9.00
N ILE D 40 -19.39 -12.77 8.77
CA ILE D 40 -18.48 -12.86 7.64
C ILE D 40 -18.85 -14.05 6.78
N THR D 41 -18.53 -13.98 5.48
CA THR D 41 -18.69 -15.17 4.63
C THR D 41 -17.40 -15.46 3.89
N PHE D 42 -17.28 -16.68 3.39
CA PHE D 42 -16.16 -17.08 2.53
C PHE D 42 -16.65 -17.69 1.23
N LYS D 43 -15.78 -17.67 0.21
CA LYS D 43 -16.09 -18.27 -1.12
C LYS D 43 -16.53 -19.74 -1.03
N ASN D 44 -16.00 -20.50 -0.08
CA ASN D 44 -16.43 -21.89 0.12
C ASN D 44 -17.88 -22.05 0.64
N GLY D 45 -18.55 -20.95 0.96
CA GLY D 45 -19.96 -21.00 1.33
C GLY D 45 -20.18 -20.97 2.83
N ALA D 46 -19.08 -20.83 3.58
CA ALA D 46 -19.15 -20.70 5.04
C ALA D 46 -19.68 -19.33 5.46
N THR D 47 -20.55 -19.32 6.49
CA THR D 47 -21.02 -18.09 7.13
C THR D 47 -20.73 -18.22 8.61
N PHE D 48 -20.10 -17.21 9.21
CA PHE D 48 -19.78 -17.23 10.64
C PHE D 48 -20.20 -15.91 11.30
N GLN D 49 -20.51 -15.93 12.61
CA GLN D 49 -20.84 -14.71 13.32
C GLN D 49 -19.89 -14.51 14.49
N VAL D 50 -19.83 -13.27 14.97
CA VAL D 50 -19.35 -12.96 16.30
C VAL D 50 -20.62 -12.60 17.08
N GLU D 51 -20.95 -13.41 18.09
CA GLU D 51 -22.23 -13.26 18.81
C GLU D 51 -22.29 -11.99 19.64
N VAL D 52 -23.50 -11.47 19.81
CA VAL D 52 -23.78 -10.39 20.74
C VAL D 52 -23.30 -10.81 22.12
N PRO D 53 -22.73 -9.86 22.88
CA PRO D 53 -22.26 -10.15 24.24
C PRO D 53 -23.45 -10.31 25.21
N GLN D 61 -13.39 -10.76 28.17
CA GLN D 61 -14.47 -11.40 27.38
C GLN D 61 -15.28 -10.40 26.56
N LYS D 62 -15.93 -9.44 27.21
CA LYS D 62 -16.57 -8.36 26.46
C LYS D 62 -15.51 -7.67 25.59
N LYS D 63 -14.33 -7.44 26.17
CA LYS D 63 -13.24 -6.80 25.43
C LYS D 63 -12.74 -7.68 24.29
N ALA D 64 -12.68 -8.99 24.51
CA ALA D 64 -12.21 -9.91 23.46
C ALA D 64 -13.18 -10.00 22.26
N ILE D 65 -14.47 -9.90 22.54
CA ILE D 65 -15.49 -9.90 21.47
C ILE D 65 -15.33 -8.67 20.57
N GLU D 66 -15.17 -7.50 21.20
CA GLU D 66 -14.89 -6.27 20.49
C GLU D 66 -13.60 -6.35 19.68
N ARG D 67 -12.57 -6.97 20.24
CA ARG D 67 -11.29 -7.09 19.54
C ARG D 67 -11.47 -7.96 18.31
N MET D 68 -12.20 -9.07 18.49
CA MET D 68 -12.45 -9.99 17.38
C MET D 68 -13.12 -9.30 16.23
N LYS D 69 -14.15 -8.50 16.51
CA LYS D 69 -14.79 -7.74 15.43
C LYS D 69 -13.82 -6.76 14.75
N ASP D 70 -12.93 -6.15 15.54
CA ASP D 70 -11.87 -5.29 15.00
C ASP D 70 -10.97 -6.07 14.02
N THR D 71 -10.57 -7.28 14.41
CA THR D 71 -9.69 -8.13 13.63
C THR D 71 -10.32 -8.56 12.31
N LEU D 72 -11.57 -9.00 12.38
CA LEU D 72 -12.30 -9.43 11.20
C LEU D 72 -12.44 -8.27 10.21
N ARG D 73 -12.80 -7.08 10.70
CA ARG D 73 -12.88 -5.88 9.85
C ARG D 73 -11.59 -5.57 9.08
N ILE D 74 -10.46 -5.44 9.81
CA ILE D 74 -9.17 -5.13 9.17
C ILE D 74 -8.66 -6.28 8.29
N ALA D 75 -8.90 -7.52 8.71
CA ALA D 75 -8.62 -8.67 7.84
C ALA D 75 -9.43 -8.58 6.54
N TYR D 76 -10.73 -8.31 6.65
CA TYR D 76 -11.56 -8.14 5.44
C TYR D 76 -10.96 -7.06 4.51
N LEU D 77 -10.75 -5.87 5.06
CA LEU D 77 -10.33 -4.71 4.28
C LEU D 77 -8.92 -4.85 3.69
N THR D 78 -8.04 -5.56 4.39
CA THR D 78 -6.69 -5.78 3.87
C THR D 78 -6.53 -7.06 3.07
N GLU D 79 -7.62 -7.82 2.88
CA GLU D 79 -7.56 -9.12 2.23
C GLU D 79 -6.53 -10.08 2.86
N ALA D 80 -6.38 -10.02 4.19
CA ALA D 80 -5.54 -10.94 4.93
C ALA D 80 -6.13 -12.34 4.82
N LYS D 81 -5.27 -13.30 4.48
CA LYS D 81 -5.63 -14.73 4.41
C LYS D 81 -5.91 -15.25 5.82
N VAL D 82 -7.12 -15.78 6.01
CA VAL D 82 -7.49 -16.42 7.26
C VAL D 82 -7.08 -17.89 7.11
N GLU D 83 -6.30 -18.39 8.07
CA GLU D 83 -5.85 -19.78 8.05
C GLU D 83 -6.95 -20.68 8.58
N LYS D 84 -7.21 -20.60 9.89
CA LYS D 84 -8.23 -21.40 10.52
C LYS D 84 -9.13 -20.52 11.36
N LEU D 85 -10.37 -20.99 11.55
CA LEU D 85 -11.30 -20.49 12.58
C LEU D 85 -11.66 -21.63 13.51
N CYS D 86 -11.65 -21.34 14.81
CA CYS D 86 -12.28 -22.20 15.80
C CYS D 86 -13.67 -21.63 16.06
N VAL D 87 -14.71 -22.43 15.89
CA VAL D 87 -16.09 -21.92 15.95
C VAL D 87 -16.95 -22.80 16.85
N TRP D 88 -17.92 -22.20 17.52
CA TRP D 88 -18.95 -22.99 18.19
C TRP D 88 -19.99 -23.45 17.15
N ASN D 89 -20.13 -24.76 17.01
CA ASN D 89 -21.03 -25.30 16.01
C ASN D 89 -22.46 -25.58 16.54
N ASN D 90 -22.75 -25.10 17.74
CA ASN D 90 -24.13 -25.17 18.26
C ASN D 90 -24.91 -23.86 18.15
N LYS D 91 -24.46 -23.01 17.23
CA LYS D 91 -25.07 -21.74 16.91
C LYS D 91 -25.09 -21.68 15.40
N THR D 92 -26.06 -20.95 14.86
CA THR D 92 -26.17 -20.68 13.42
C THR D 92 -26.39 -19.16 13.22
N PRO D 93 -25.49 -18.51 12.49
CA PRO D 93 -24.21 -19.07 11.97
C PRO D 93 -23.30 -19.59 13.10
N ASN D 94 -22.34 -20.46 12.77
CA ASN D 94 -21.36 -20.90 13.75
C ASN D 94 -20.65 -19.67 14.30
N SER D 95 -20.31 -19.72 15.57
CA SER D 95 -19.90 -18.52 16.32
C SER D 95 -18.39 -18.57 16.53
N ILE D 96 -17.68 -17.48 16.20
CA ILE D 96 -16.22 -17.54 16.22
C ILE D 96 -15.70 -17.45 17.64
N ALA D 97 -14.85 -18.42 17.98
CA ALA D 97 -14.15 -18.46 19.26
C ALA D 97 -12.71 -17.99 19.09
N ALA D 98 -12.12 -18.30 17.93
CA ALA D 98 -10.70 -18.01 17.67
C ALA D 98 -10.41 -17.95 16.18
N ILE D 99 -9.39 -17.18 15.81
CA ILE D 99 -9.00 -17.04 14.42
C ILE D 99 -7.48 -17.12 14.37
N SER D 100 -6.95 -17.77 13.32
CA SER D 100 -5.51 -17.68 13.06
C SER D 100 -5.27 -17.16 11.64
N MET D 101 -4.17 -16.42 11.47
CA MET D 101 -3.82 -15.87 10.17
C MET D 101 -2.35 -16.19 9.96
N ALA D 102 -2.04 -16.78 8.81
CA ALA D 102 -0.69 -17.25 8.57
C ALA D 102 -0.30 -16.92 7.13
N ALA E 1 14.42 5.62 33.85
CA ALA E 1 13.71 4.48 33.21
C ALA E 1 14.72 3.72 32.36
N PRO E 2 14.47 2.42 32.11
CA PRO E 2 15.36 1.74 31.15
C PRO E 2 15.31 2.47 29.81
N GLN E 3 16.38 2.35 29.03
CA GLN E 3 16.52 3.06 27.77
C GLN E 3 16.35 2.12 26.58
N ASN E 4 16.25 0.82 26.87
CA ASN E 4 16.05 -0.17 25.81
C ASN E 4 15.39 -1.44 26.34
N ILE E 5 14.94 -2.31 25.44
CA ILE E 5 14.26 -3.56 25.82
C ILE E 5 15.12 -4.52 26.66
N THR E 6 16.42 -4.55 26.42
CA THR E 6 17.30 -5.44 27.19
C THR E 6 17.42 -4.98 28.65
N GLU E 7 17.63 -3.68 28.84
CA GLU E 7 17.71 -3.14 30.20
C GLU E 7 16.41 -3.41 30.94
N LEU E 8 15.30 -3.20 30.24
CA LEU E 8 13.98 -3.39 30.81
C LEU E 8 13.80 -4.84 31.26
N CYS E 9 14.14 -5.77 30.37
CA CYS E 9 13.95 -7.20 30.57
C CYS E 9 14.77 -7.68 31.76
N SER E 10 15.96 -7.10 31.91
CA SER E 10 16.86 -7.50 32.98
C SER E 10 16.38 -7.15 34.39
N GLU E 11 15.36 -6.31 34.47
CA GLU E 11 14.80 -5.91 35.76
C GLU E 11 13.80 -6.91 36.31
N TYR E 12 13.48 -7.95 35.52
CA TYR E 12 12.42 -8.87 35.91
C TYR E 12 12.94 -10.27 36.16
N HIS E 13 12.27 -11.01 37.06
CA HIS E 13 12.64 -12.40 37.31
C HIS E 13 12.05 -13.28 36.21
N ASN E 14 12.77 -14.33 35.84
CA ASN E 14 12.26 -15.36 34.94
C ASN E 14 12.05 -14.87 33.50
N THR E 15 12.86 -13.92 33.07
CA THR E 15 12.74 -13.45 31.69
C THR E 15 13.99 -13.73 30.90
N GLN E 16 13.86 -13.65 29.58
CA GLN E 16 15.01 -13.62 28.70
C GLN E 16 14.61 -12.85 27.46
N ILE E 17 15.60 -12.46 26.67
CA ILE E 17 15.41 -11.76 25.42
C ILE E 17 15.62 -12.77 24.33
N TYR E 18 14.64 -12.84 23.43
CA TYR E 18 14.81 -13.51 22.16
C TYR E 18 15.10 -12.46 21.09
N THR E 19 16.18 -12.67 20.36
CA THR E 19 16.54 -11.81 19.24
C THR E 19 16.04 -12.49 18.00
N ILE E 20 14.98 -11.92 17.45
CA ILE E 20 14.21 -12.52 16.40
C ILE E 20 14.59 -11.97 15.03
N ASN E 21 14.56 -10.64 14.88
CA ASN E 21 14.83 -9.97 13.60
C ASN E 21 14.10 -10.54 12.41
N ASP E 22 12.77 -10.67 12.54
CA ASP E 22 11.97 -11.32 11.51
C ASP E 22 10.53 -10.85 11.71
N LYS E 23 9.76 -10.84 10.63
CA LYS E 23 8.31 -10.58 10.71
C LYS E 23 7.58 -11.78 11.33
N ILE E 24 6.36 -11.53 11.82
CA ILE E 24 5.54 -12.57 12.44
C ILE E 24 5.00 -13.54 11.40
N LEU E 25 5.13 -14.85 11.65
CA LEU E 25 4.67 -15.88 10.70
C LEU E 25 3.17 -16.15 10.81
N SER E 26 2.67 -16.26 12.03
CA SER E 26 1.23 -16.39 12.27
C SER E 26 0.77 -15.56 13.46
N TYR E 27 -0.48 -15.11 13.37
CA TYR E 27 -1.16 -14.41 14.47
C TYR E 27 -2.47 -15.12 14.76
N THR E 28 -2.68 -15.46 16.03
CA THR E 28 -3.90 -16.14 16.51
C THR E 28 -4.51 -15.34 17.66
N GLU E 29 -5.83 -15.13 17.66
CA GLU E 29 -6.47 -14.57 18.85
C GLU E 29 -7.74 -15.32 19.15
N SER E 30 -8.06 -15.40 20.43
CA SER E 30 -9.22 -16.14 20.89
C SER E 30 -10.04 -15.25 21.83
N LEU E 31 -11.35 -15.43 21.77
CA LEU E 31 -12.24 -14.78 22.74
C LEU E 31 -12.88 -15.79 23.68
N ALA E 32 -12.42 -17.05 23.60
CA ALA E 32 -13.06 -18.15 24.33
C ALA E 32 -12.80 -17.99 25.84
N GLY E 33 -13.80 -18.26 26.67
CA GLY E 33 -13.75 -17.91 28.09
C GLY E 33 -12.51 -18.47 28.78
N LYS E 34 -11.76 -17.60 29.47
CA LYS E 34 -10.52 -17.96 30.21
C LYS E 34 -9.37 -18.28 29.27
N ARG E 35 -9.60 -18.08 27.97
CA ARG E 35 -8.54 -18.17 26.96
C ARG E 35 -8.55 -16.94 26.05
N GLU E 36 -8.71 -15.76 26.64
CA GLU E 36 -8.71 -14.48 25.90
C GLU E 36 -7.27 -14.07 25.78
N MET E 37 -6.65 -14.58 24.73
CA MET E 37 -5.21 -14.57 24.58
C MET E 37 -4.85 -14.41 23.11
N ALA E 38 -3.61 -14.01 22.86
CA ALA E 38 -3.07 -13.98 21.52
C ALA E 38 -1.84 -14.88 21.50
N ILE E 39 -1.60 -15.49 20.35
CA ILE E 39 -0.39 -16.30 20.11
C ILE E 39 0.27 -15.87 18.82
N ILE E 40 1.60 -15.70 18.82
CA ILE E 40 2.31 -15.44 17.56
C ILE E 40 3.37 -16.50 17.41
N THR E 41 3.73 -16.82 16.16
CA THR E 41 4.89 -17.69 15.90
C THR E 41 5.79 -17.01 14.88
N PHE E 42 7.03 -17.51 14.82
CA PHE E 42 8.03 -17.10 13.86
C PHE E 42 8.57 -18.32 13.11
N LYS E 43 9.11 -18.07 11.92
CA LYS E 43 9.74 -19.11 11.10
C LYS E 43 10.83 -19.94 11.82
N ASN E 44 11.48 -19.35 12.82
CA ASN E 44 12.50 -20.04 13.60
C ASN E 44 11.97 -21.00 14.68
N GLY E 45 10.66 -21.24 14.68
CA GLY E 45 10.04 -22.16 15.65
C GLY E 45 9.57 -21.57 16.96
N ALA E 46 9.70 -20.25 17.15
CA ALA E 46 9.29 -19.67 18.44
C ALA E 46 7.78 -19.46 18.46
N THR E 47 7.18 -19.75 19.60
CA THR E 47 5.75 -19.48 19.86
C THR E 47 5.67 -18.67 21.14
N PHE E 48 4.94 -17.57 21.09
CA PHE E 48 4.78 -16.68 22.22
C PHE E 48 3.32 -16.32 22.38
N GLN E 49 2.90 -16.08 23.60
CA GLN E 49 1.55 -15.62 23.88
C GLN E 49 1.55 -14.23 24.51
N VAL E 50 0.43 -13.52 24.41
CA VAL E 50 0.08 -12.49 25.38
C VAL E 50 -0.94 -13.16 26.31
N GLU E 51 -0.59 -13.29 27.58
CA GLU E 51 -1.35 -14.02 28.60
C GLU E 51 -2.75 -13.48 28.83
N VAL E 52 -3.67 -14.36 29.21
CA VAL E 52 -4.99 -13.95 29.66
C VAL E 52 -4.79 -13.04 30.90
N PRO E 53 -5.51 -11.90 30.96
CA PRO E 53 -5.38 -11.03 32.14
C PRO E 53 -5.80 -11.78 33.43
N GLY E 54 -4.86 -11.92 34.37
CA GLY E 54 -5.07 -12.75 35.57
C GLY E 54 -4.76 -12.02 36.86
N HIS E 57 -1.50 -9.97 37.19
CA HIS E 57 -1.62 -8.59 36.70
C HIS E 57 -2.29 -7.66 37.71
N ILE E 58 -1.89 -6.38 37.68
CA ILE E 58 -2.43 -5.37 38.59
C ILE E 58 -3.73 -4.69 38.07
N ASP E 59 -3.65 -3.40 37.77
CA ASP E 59 -4.82 -2.65 37.29
C ASP E 59 -4.49 -1.71 36.14
N SER E 60 -3.20 -1.40 35.97
CA SER E 60 -2.67 -0.51 34.92
C SER E 60 -2.08 -1.36 33.80
N GLN E 61 -1.78 -2.59 34.16
CA GLN E 61 -1.34 -3.59 33.21
C GLN E 61 -2.45 -3.96 32.20
N LYS E 62 -3.72 -3.89 32.60
CA LYS E 62 -4.82 -4.29 31.70
C LYS E 62 -4.79 -3.53 30.37
N LYS E 63 -4.65 -2.20 30.43
CA LYS E 63 -4.56 -1.36 29.23
C LYS E 63 -3.39 -1.80 28.34
N ALA E 64 -2.27 -2.13 28.98
CA ALA E 64 -1.02 -2.46 28.32
C ALA E 64 -1.09 -3.84 27.68
N ILE E 65 -1.76 -4.77 28.33
CA ILE E 65 -2.06 -6.08 27.71
C ILE E 65 -2.89 -5.89 26.43
N GLU E 66 -3.93 -5.08 26.49
CA GLU E 66 -4.77 -4.79 25.31
C GLU E 66 -3.98 -4.11 24.21
N ARG E 67 -3.14 -3.15 24.59
CA ARG E 67 -2.26 -2.51 23.60
C ARG E 67 -1.29 -3.50 22.94
N MET E 68 -0.71 -4.42 23.70
CA MET E 68 0.24 -5.37 23.12
C MET E 68 -0.41 -6.22 22.03
N LYS E 69 -1.64 -6.65 22.27
CA LYS E 69 -2.34 -7.48 21.32
C LYS E 69 -2.63 -6.68 20.04
N ASP E 70 -3.06 -5.43 20.22
CA ASP E 70 -3.23 -4.49 19.07
C ASP E 70 -1.93 -4.38 18.27
N THR E 71 -0.80 -4.26 18.98
CA THR E 71 0.53 -4.09 18.34
C THR E 71 0.91 -5.33 17.53
N LEU E 72 0.68 -6.51 18.11
CA LEU E 72 1.05 -7.75 17.46
C LEU E 72 0.21 -7.97 16.20
N ARG E 73 -1.09 -7.68 16.30
CA ARG E 73 -1.99 -7.73 15.12
C ARG E 73 -1.51 -6.82 13.99
N ILE E 74 -1.25 -5.54 14.29
CA ILE E 74 -0.80 -4.64 13.23
C ILE E 74 0.60 -4.95 12.69
N ALA E 75 1.51 -5.37 13.58
CA ALA E 75 2.82 -5.89 13.19
C ALA E 75 2.69 -7.02 12.18
N TYR E 76 1.82 -7.96 12.49
CA TYR E 76 1.65 -9.11 11.64
C TYR E 76 1.10 -8.65 10.29
N LEU E 77 0.03 -7.84 10.30
CA LEU E 77 -0.62 -7.41 9.05
C LEU E 77 0.30 -6.57 8.15
N THR E 78 1.20 -5.78 8.74
CA THR E 78 2.10 -4.92 7.97
C THR E 78 3.45 -5.58 7.70
N GLU E 79 3.64 -6.81 8.18
CA GLU E 79 4.92 -7.53 8.04
C GLU E 79 6.09 -6.75 8.68
N ALA E 80 5.81 -6.08 9.80
CA ALA E 80 6.85 -5.36 10.54
C ALA E 80 7.86 -6.35 11.11
N LYS E 81 9.13 -6.08 10.85
CA LYS E 81 10.19 -6.88 11.46
C LYS E 81 10.23 -6.63 12.95
N VAL E 82 10.10 -7.72 13.70
CA VAL E 82 10.22 -7.74 15.14
C VAL E 82 11.69 -7.92 15.47
N GLU E 83 12.24 -7.05 16.30
CA GLU E 83 13.66 -7.13 16.58
C GLU E 83 13.91 -8.10 17.73
N LYS E 84 13.39 -7.75 18.91
CA LYS E 84 13.56 -8.54 20.11
C LYS E 84 12.25 -8.67 20.83
N LEU E 85 12.12 -9.75 21.59
CA LEU E 85 11.02 -9.90 22.55
C LEU E 85 11.60 -10.20 23.93
N CYS E 86 11.06 -9.55 24.95
CA CYS E 86 11.38 -9.88 26.32
C CYS E 86 10.22 -10.74 26.78
N VAL E 87 10.49 -11.99 27.18
CA VAL E 87 9.42 -12.94 27.54
C VAL E 87 9.65 -13.55 28.92
N TRP E 88 8.58 -13.86 29.65
CA TRP E 88 8.67 -14.70 30.86
C TRP E 88 8.81 -16.13 30.39
N ASN E 89 9.82 -16.84 30.90
CA ASN E 89 10.08 -18.20 30.44
C ASN E 89 9.58 -19.27 31.43
N ASN E 90 8.87 -18.84 32.45
CA ASN E 90 8.12 -19.75 33.30
C ASN E 90 6.65 -19.84 32.88
N LYS E 91 6.41 -19.64 31.57
CA LYS E 91 5.09 -19.88 30.95
C LYS E 91 5.35 -20.57 29.64
N THR E 92 4.37 -21.32 29.18
CA THR E 92 4.43 -21.88 27.84
C THR E 92 3.05 -21.75 27.12
N PRO E 93 3.03 -21.13 25.92
CA PRO E 93 4.17 -20.48 25.26
C PRO E 93 4.76 -19.40 26.15
N ASN E 94 6.03 -19.05 25.94
CA ASN E 94 6.59 -17.97 26.71
C ASN E 94 5.72 -16.71 26.56
N SER E 95 5.58 -15.97 27.66
CA SER E 95 4.69 -14.80 27.76
C SER E 95 5.38 -13.48 27.46
N ILE E 96 4.81 -12.69 26.55
CA ILE E 96 5.46 -11.43 26.13
C ILE E 96 5.33 -10.32 27.18
N ALA E 97 6.48 -9.83 27.64
CA ALA E 97 6.54 -8.66 28.54
C ALA E 97 6.80 -7.37 27.75
N ALA E 98 7.58 -7.49 26.67
CA ALA E 98 7.97 -6.34 25.83
C ALA E 98 8.41 -6.78 24.45
N ILE E 99 8.27 -5.86 23.49
CA ILE E 99 8.62 -6.10 22.10
C ILE E 99 9.36 -4.86 21.60
N SER E 100 10.37 -5.08 20.77
CA SER E 100 11.01 -4.00 20.05
C SER E 100 10.95 -4.27 18.57
N MET E 101 10.78 -3.20 17.80
CA MET E 101 10.67 -3.28 16.36
C MET E 101 11.67 -2.30 15.75
N ALA E 102 12.42 -2.78 14.76
CA ALA E 102 13.45 -2.01 14.10
C ALA E 102 13.71 -2.65 12.74
N ALA F 1 19.10 -28.34 -16.83
CA ALA F 1 19.50 -26.97 -16.41
C ALA F 1 19.71 -26.97 -14.90
N PRO F 2 20.49 -26.00 -14.39
CA PRO F 2 20.61 -25.87 -12.94
C PRO F 2 19.25 -25.74 -12.27
N GLN F 3 19.15 -26.17 -11.02
CA GLN F 3 17.84 -26.15 -10.36
C GLN F 3 17.74 -25.09 -9.30
N ASN F 4 18.87 -24.46 -9.00
CA ASN F 4 18.95 -23.37 -8.03
C ASN F 4 20.14 -22.45 -8.32
N ILE F 5 20.14 -21.28 -7.67
CA ILE F 5 21.21 -20.28 -7.83
C ILE F 5 22.63 -20.84 -7.59
N THR F 6 22.76 -21.75 -6.62
CA THR F 6 24.07 -22.31 -6.27
C THR F 6 24.61 -23.25 -7.34
N GLU F 7 23.77 -24.15 -7.87
CA GLU F 7 24.17 -25.02 -8.99
C GLU F 7 24.54 -24.19 -10.24
N LEU F 8 23.73 -23.15 -10.51
CA LEU F 8 24.00 -22.25 -11.62
C LEU F 8 25.30 -21.49 -11.44
N CYS F 9 25.55 -20.97 -10.25
CA CYS F 9 26.75 -20.19 -9.98
C CYS F 9 28.03 -20.98 -10.19
N SER F 10 27.93 -22.28 -9.95
CA SER F 10 29.05 -23.20 -9.94
C SER F 10 29.50 -23.52 -11.33
N GLU F 11 28.68 -23.16 -12.32
CA GLU F 11 28.97 -23.45 -13.72
C GLU F 11 29.92 -22.44 -14.34
N TYR F 12 30.27 -21.42 -13.57
CA TYR F 12 31.08 -20.32 -14.07
C TYR F 12 32.37 -20.16 -13.28
N HIS F 13 33.41 -19.71 -13.97
CA HIS F 13 34.69 -19.41 -13.35
C HIS F 13 34.58 -18.08 -12.65
N ASN F 14 35.36 -17.91 -11.58
CA ASN F 14 35.46 -16.64 -10.86
C ASN F 14 34.14 -16.17 -10.21
N THR F 15 33.34 -17.11 -9.73
CA THR F 15 32.08 -16.74 -9.06
C THR F 15 32.06 -17.25 -7.64
N GLN F 16 31.22 -16.63 -6.81
CA GLN F 16 30.86 -17.16 -5.51
C GLN F 16 29.45 -16.71 -5.13
N ILE F 17 28.85 -17.45 -4.20
CA ILE F 17 27.53 -17.07 -3.66
C ILE F 17 27.70 -16.26 -2.38
N TYR F 18 27.09 -15.07 -2.35
CA TYR F 18 26.87 -14.38 -1.10
C TYR F 18 25.45 -14.69 -0.63
N THR F 19 25.33 -15.22 0.58
CA THR F 19 24.03 -15.46 1.21
C THR F 19 23.75 -14.24 2.06
N ILE F 20 22.70 -13.51 1.68
CA ILE F 20 22.45 -12.17 2.19
C ILE F 20 21.26 -12.18 3.17
N ASN F 21 20.17 -12.82 2.77
CA ASN F 21 18.92 -12.83 3.57
C ASN F 21 18.61 -11.49 4.23
N ASP F 22 18.52 -10.45 3.39
CA ASP F 22 18.23 -9.09 3.82
C ASP F 22 17.74 -8.26 2.61
N LYS F 23 17.00 -7.20 2.89
CA LYS F 23 16.60 -6.25 1.86
C LYS F 23 17.79 -5.35 1.48
N ILE F 24 17.71 -4.80 0.27
CA ILE F 24 18.72 -3.89 -0.24
C ILE F 24 18.75 -2.59 0.53
N LEU F 25 19.94 -2.18 0.99
CA LEU F 25 20.12 -0.95 1.76
C LEU F 25 20.15 0.33 0.90
N SER F 26 20.89 0.29 -0.20
CA SER F 26 20.89 1.41 -1.14
C SER F 26 20.87 0.98 -2.60
N TYR F 27 20.38 1.89 -3.44
CA TYR F 27 20.26 1.67 -4.88
C TYR F 27 20.77 2.90 -5.61
N THR F 28 21.75 2.69 -6.49
CA THR F 28 22.43 3.79 -7.22
C THR F 28 22.44 3.49 -8.71
N GLU F 29 22.01 4.45 -9.52
CA GLU F 29 21.83 4.23 -10.95
C GLU F 29 22.46 5.40 -11.68
N SER F 30 23.22 5.12 -12.73
CA SER F 30 23.91 6.19 -13.46
C SER F 30 23.66 6.11 -14.94
N LEU F 31 23.44 7.27 -15.55
CA LEU F 31 23.32 7.36 -17.01
C LEU F 31 24.55 8.04 -17.62
N ALA F 32 25.55 8.29 -16.79
CA ALA F 32 26.62 9.25 -17.10
C ALA F 32 27.50 8.86 -18.27
N GLY F 33 27.98 7.63 -18.32
CA GLY F 33 28.98 7.31 -19.33
C GLY F 33 28.84 5.90 -19.80
N LYS F 34 29.92 5.36 -20.36
CA LYS F 34 29.95 3.99 -20.87
C LYS F 34 29.42 3.00 -19.84
N ARG F 35 29.88 3.16 -18.60
CA ARG F 35 29.62 2.22 -17.50
C ARG F 35 28.13 2.08 -17.13
N GLU F 36 27.35 3.15 -17.34
CA GLU F 36 25.92 3.22 -16.99
C GLU F 36 25.61 2.46 -15.72
N MET F 37 26.32 2.75 -14.64
CA MET F 37 26.35 1.73 -13.61
C MET F 37 25.13 1.67 -12.72
N ALA F 38 24.92 0.46 -12.20
CA ALA F 38 23.91 0.16 -11.19
C ALA F 38 24.69 -0.44 -10.02
N ILE F 39 24.55 0.18 -8.85
CA ILE F 39 25.24 -0.29 -7.66
C ILE F 39 24.23 -0.54 -6.56
N ILE F 40 24.33 -1.66 -5.85
CA ILE F 40 23.50 -1.86 -4.65
C ILE F 40 24.39 -2.19 -3.47
N THR F 41 23.94 -1.82 -2.29
CA THR F 41 24.62 -2.22 -1.08
C THR F 41 23.68 -2.90 -0.10
N PHE F 42 24.29 -3.50 0.94
CA PHE F 42 23.52 -4.15 1.98
C PHE F 42 24.12 -3.70 3.29
N LYS F 43 23.36 -3.81 4.37
CA LYS F 43 23.88 -3.35 5.64
C LYS F 43 25.03 -4.23 6.18
N ASN F 44 25.15 -5.47 5.67
CA ASN F 44 26.32 -6.33 5.97
C ASN F 44 27.65 -5.77 5.40
N GLY F 45 27.54 -4.75 4.54
CA GLY F 45 28.69 -4.08 3.92
C GLY F 45 29.02 -4.57 2.52
N ALA F 46 28.21 -5.48 1.99
CA ALA F 46 28.39 -5.90 0.61
C ALA F 46 28.06 -4.75 -0.34
N THR F 47 28.83 -4.64 -1.43
CA THR F 47 28.56 -3.71 -2.51
C THR F 47 28.66 -4.50 -3.79
N PHE F 48 27.65 -4.37 -4.65
CA PHE F 48 27.64 -5.10 -5.90
C PHE F 48 27.27 -4.19 -7.03
N GLN F 49 27.68 -4.55 -8.25
CA GLN F 49 27.32 -3.77 -9.41
C GLN F 49 26.69 -4.67 -10.44
N VAL F 50 25.93 -4.07 -11.36
CA VAL F 50 25.61 -4.74 -12.60
C VAL F 50 26.41 -4.04 -13.69
N GLU F 51 27.21 -4.80 -14.43
CA GLU F 51 28.06 -4.20 -15.47
C GLU F 51 27.29 -4.04 -16.76
N VAL F 52 27.65 -3.02 -17.53
CA VAL F 52 27.13 -2.84 -18.90
C VAL F 52 27.58 -4.02 -19.76
N PRO F 53 26.77 -4.38 -20.78
CA PRO F 53 27.15 -5.52 -21.64
C PRO F 53 28.30 -5.19 -22.61
N GLN F 61 21.62 -11.54 -23.64
CA GLN F 61 22.41 -10.98 -22.53
C GLN F 61 22.14 -9.49 -22.31
N LYS F 62 21.98 -8.73 -23.39
CA LYS F 62 21.60 -7.31 -23.28
C LYS F 62 20.30 -7.17 -22.48
N LYS F 63 19.28 -7.94 -22.88
CA LYS F 63 17.97 -7.92 -22.22
C LYS F 63 18.09 -8.39 -20.77
N ALA F 64 18.92 -9.40 -20.53
CA ALA F 64 19.05 -10.00 -19.19
C ALA F 64 19.65 -9.00 -18.22
N ILE F 65 20.60 -8.21 -18.71
CA ILE F 65 21.25 -7.17 -17.93
C ILE F 65 20.26 -6.03 -17.60
N GLU F 66 19.47 -5.62 -18.58
CA GLU F 66 18.42 -4.64 -18.33
C GLU F 66 17.37 -5.18 -17.35
N ARG F 67 16.96 -6.45 -17.50
CA ARG F 67 16.02 -7.07 -16.56
C ARG F 67 16.56 -7.08 -15.13
N MET F 68 17.83 -7.49 -14.97
CA MET F 68 18.47 -7.49 -13.66
C MET F 68 18.42 -6.11 -12.98
N LYS F 69 18.69 -5.05 -13.73
CA LYS F 69 18.58 -3.69 -13.20
C LYS F 69 17.12 -3.38 -12.80
N ASP F 70 16.15 -3.84 -13.59
CA ASP F 70 14.73 -3.68 -13.24
C ASP F 70 14.44 -4.40 -11.92
N THR F 71 14.92 -5.65 -11.81
CA THR F 71 14.74 -6.49 -10.59
C THR F 71 15.30 -5.82 -9.35
N LEU F 72 16.49 -5.25 -9.45
CA LEU F 72 17.10 -4.65 -8.29
C LEU F 72 16.36 -3.41 -7.82
N ARG F 73 15.86 -2.63 -8.78
CA ARG F 73 15.14 -1.41 -8.45
C ARG F 73 13.81 -1.76 -7.73
N ILE F 74 13.03 -2.71 -8.28
CA ILE F 74 11.74 -3.06 -7.65
C ILE F 74 11.97 -3.77 -6.31
N ALA F 75 12.95 -4.65 -6.24
CA ALA F 75 13.34 -5.22 -4.93
C ALA F 75 13.63 -4.13 -3.92
N TYR F 76 14.44 -3.15 -4.30
CA TYR F 76 14.82 -2.07 -3.39
C TYR F 76 13.59 -1.33 -2.92
N LEU F 77 12.75 -0.92 -3.86
CA LEU F 77 11.57 -0.08 -3.56
C LEU F 77 10.47 -0.79 -2.74
N THR F 78 10.39 -2.11 -2.87
CA THR F 78 9.39 -2.91 -2.17
C THR F 78 9.97 -3.57 -0.90
N GLU F 79 11.27 -3.33 -0.66
CA GLU F 79 12.00 -3.95 0.44
C GLU F 79 11.92 -5.47 0.42
N ALA F 80 12.04 -6.06 -0.77
CA ALA F 80 12.06 -7.51 -0.90
C ALA F 80 13.36 -8.05 -0.35
N LYS F 81 13.26 -9.13 0.41
CA LYS F 81 14.41 -9.77 0.99
C LYS F 81 15.17 -10.49 -0.10
N VAL F 82 16.44 -10.14 -0.24
CA VAL F 82 17.31 -10.84 -1.16
C VAL F 82 17.85 -12.08 -0.45
N GLU F 83 17.68 -13.25 -1.06
CA GLU F 83 18.21 -14.46 -0.45
C GLU F 83 19.72 -14.54 -0.76
N LYS F 84 20.06 -14.81 -2.02
CA LYS F 84 21.44 -15.06 -2.41
C LYS F 84 21.83 -14.25 -3.65
N LEU F 85 23.13 -13.97 -3.79
CA LEU F 85 23.68 -13.40 -5.02
C LEU F 85 24.84 -14.25 -5.53
N CYS F 86 24.77 -14.60 -6.82
CA CYS F 86 25.89 -15.19 -7.53
C CYS F 86 26.61 -14.02 -8.16
N VAL F 87 27.88 -13.85 -7.79
CA VAL F 87 28.65 -12.71 -8.24
C VAL F 87 30.00 -13.16 -8.82
N TRP F 88 30.50 -12.39 -9.78
CA TRP F 88 31.87 -12.58 -10.26
C TRP F 88 32.81 -11.83 -9.34
N ASN F 89 33.83 -12.52 -8.83
CA ASN F 89 34.72 -11.91 -7.85
C ASN F 89 36.00 -11.32 -8.49
N ASN F 90 36.04 -11.27 -9.82
CA ASN F 90 37.18 -10.67 -10.53
C ASN F 90 36.90 -9.23 -11.01
N LYS F 91 35.98 -8.57 -10.30
CA LYS F 91 35.57 -7.20 -10.56
C LYS F 91 35.33 -6.55 -9.23
N THR F 92 35.60 -5.25 -9.14
CA THR F 92 35.33 -4.46 -7.95
C THR F 92 34.42 -3.31 -8.40
N PRO F 93 33.21 -3.20 -7.83
CA PRO F 93 32.54 -4.09 -6.87
C PRO F 93 32.27 -5.41 -7.58
N ASN F 94 32.09 -6.51 -6.84
CA ASN F 94 31.75 -7.78 -7.51
C ASN F 94 30.51 -7.60 -8.39
N SER F 95 30.49 -8.36 -9.48
CA SER F 95 29.52 -8.16 -10.54
C SER F 95 28.45 -9.23 -10.43
N ILE F 96 27.18 -8.83 -10.42
CA ILE F 96 26.05 -9.75 -10.25
C ILE F 96 25.79 -10.57 -11.50
N ALA F 97 25.82 -11.90 -11.33
CA ALA F 97 25.45 -12.84 -12.36
C ALA F 97 24.01 -13.36 -12.16
N ALA F 98 23.61 -13.55 -10.90
CA ALA F 98 22.24 -14.01 -10.59
C ALA F 98 21.80 -13.58 -9.22
N ILE F 99 20.48 -13.54 -9.04
CA ILE F 99 19.88 -13.18 -7.76
C ILE F 99 18.76 -14.19 -7.44
N SER F 100 18.59 -14.51 -6.16
CA SER F 100 17.43 -15.28 -5.72
C SER F 100 16.69 -14.50 -4.62
N MET F 101 15.36 -14.62 -4.60
CA MET F 101 14.60 -13.98 -3.53
C MET F 101 13.68 -15.02 -2.93
N ALA F 102 13.59 -15.05 -1.61
CA ALA F 102 12.81 -16.08 -0.93
C ALA F 102 12.05 -15.53 0.29
N ALA G 1 -9.28 -20.10 -30.85
CA ALA G 1 -8.15 -20.21 -29.88
C ALA G 1 -8.59 -20.95 -28.61
N PRO G 2 -7.61 -21.50 -27.84
CA PRO G 2 -7.97 -22.13 -26.55
C PRO G 2 -8.67 -21.11 -25.64
N GLN G 3 -9.62 -21.58 -24.82
CA GLN G 3 -10.33 -20.70 -23.90
C GLN G 3 -9.87 -20.82 -22.44
N ASN G 4 -8.89 -21.68 -22.18
CA ASN G 4 -8.24 -21.75 -20.87
C ASN G 4 -6.88 -22.39 -20.98
N ILE G 5 -6.15 -22.39 -19.86
CA ILE G 5 -4.81 -22.97 -19.82
C ILE G 5 -4.77 -24.48 -20.11
N THR G 6 -5.82 -25.18 -19.69
CA THR G 6 -5.86 -26.63 -19.85
C THR G 6 -6.04 -26.98 -21.32
N GLU G 7 -6.98 -26.30 -22.00
CA GLU G 7 -7.16 -26.45 -23.44
C GLU G 7 -5.86 -26.14 -24.17
N LEU G 8 -5.23 -25.03 -23.80
CA LEU G 8 -3.99 -24.57 -24.45
C LEU G 8 -2.87 -25.56 -24.29
N CYS G 9 -2.67 -26.02 -23.06
CA CYS G 9 -1.62 -27.00 -22.78
C CYS G 9 -1.78 -28.27 -23.63
N SER G 10 -3.01 -28.66 -23.92
CA SER G 10 -3.24 -29.90 -24.66
C SER G 10 -2.70 -29.90 -26.10
N GLU G 11 -2.48 -28.72 -26.68
CA GLU G 11 -1.96 -28.63 -28.06
C GLU G 11 -0.48 -29.05 -28.20
N TYR G 12 0.21 -29.12 -27.07
CA TYR G 12 1.63 -29.38 -27.05
C TYR G 12 2.01 -30.77 -26.53
N HIS G 13 2.86 -31.45 -27.28
CA HIS G 13 3.48 -32.69 -26.77
C HIS G 13 4.40 -32.36 -25.61
N ASN G 14 4.70 -33.40 -24.82
CA ASN G 14 5.60 -33.31 -23.67
C ASN G 14 5.21 -32.28 -22.63
N THR G 15 3.90 -32.01 -22.54
CA THR G 15 3.36 -31.13 -21.52
C THR G 15 2.50 -31.83 -20.48
N GLN G 16 2.33 -31.14 -19.35
CA GLN G 16 1.36 -31.52 -18.34
C GLN G 16 1.00 -30.26 -17.55
N ILE G 17 -0.20 -30.26 -16.99
CA ILE G 17 -0.63 -29.20 -16.10
C ILE G 17 -0.28 -29.56 -14.65
N TYR G 18 0.38 -28.63 -13.95
CA TYR G 18 0.52 -28.67 -12.49
C TYR G 18 -0.49 -27.71 -11.92
N THR G 19 -1.43 -28.23 -11.12
CA THR G 19 -2.33 -27.37 -10.37
C THR G 19 -1.66 -27.02 -9.04
N ILE G 20 -1.38 -25.73 -8.87
CA ILE G 20 -0.55 -25.25 -7.76
C ILE G 20 -1.40 -24.63 -6.67
N ASN G 21 -2.23 -23.64 -7.06
CA ASN G 21 -3.05 -22.88 -6.14
C ASN G 21 -2.30 -22.32 -4.93
N ASP G 22 -1.18 -21.66 -5.20
CA ASP G 22 -0.33 -21.18 -4.10
C ASP G 22 0.58 -20.08 -4.63
N LYS G 23 1.06 -19.24 -3.73
CA LYS G 23 2.04 -18.24 -4.09
C LYS G 23 3.41 -18.87 -4.36
N ILE G 24 4.22 -18.16 -5.16
CA ILE G 24 5.60 -18.51 -5.40
C ILE G 24 6.45 -18.39 -4.12
N LEU G 25 7.21 -19.45 -3.83
CA LEU G 25 8.08 -19.51 -2.64
C LEU G 25 9.38 -18.73 -2.89
N SER G 26 9.99 -18.95 -4.04
CA SER G 26 11.22 -18.23 -4.35
C SER G 26 11.29 -17.91 -5.82
N TYR G 27 12.03 -16.85 -6.15
CA TYR G 27 12.22 -16.43 -7.52
C TYR G 27 13.70 -16.17 -7.76
N THR G 28 14.26 -16.83 -8.78
CA THR G 28 15.70 -16.74 -9.08
C THR G 28 15.80 -16.25 -10.51
N GLU G 29 16.78 -15.39 -10.76
CA GLU G 29 16.95 -14.78 -12.07
C GLU G 29 18.46 -14.68 -12.39
N SER G 30 18.83 -15.04 -13.60
CA SER G 30 20.25 -15.08 -13.98
C SER G 30 20.52 -14.29 -15.27
N LEU G 31 21.57 -13.48 -15.29
CA LEU G 31 22.00 -12.86 -16.56
C LEU G 31 23.21 -13.55 -17.20
N ALA G 32 23.72 -14.58 -16.52
CA ALA G 32 24.96 -15.25 -16.91
C ALA G 32 24.79 -15.90 -18.28
N GLY G 33 25.89 -15.88 -19.04
CA GLY G 33 25.90 -16.39 -20.39
C GLY G 33 25.55 -17.86 -20.50
N ARG G 35 22.77 -19.12 -19.98
CA ARG G 35 21.91 -19.33 -18.82
C ARG G 35 21.11 -18.10 -18.43
N GLU G 36 20.48 -17.45 -19.41
CA GLU G 36 19.59 -16.34 -19.13
C GLU G 36 18.23 -16.91 -18.68
N MET G 37 18.23 -17.49 -17.50
CA MET G 37 17.08 -18.28 -17.05
C MET G 37 16.42 -17.71 -15.81
N ALA G 38 15.18 -18.12 -15.60
CA ALA G 38 14.45 -17.83 -14.39
C ALA G 38 14.05 -19.16 -13.77
N ILE G 39 14.08 -19.21 -12.45
CA ILE G 39 13.69 -20.39 -11.69
C ILE G 39 12.72 -19.96 -10.61
N ILE G 40 11.61 -20.68 -10.50
CA ILE G 40 10.70 -20.47 -9.38
C ILE G 40 10.49 -21.79 -8.62
N THR G 41 10.21 -21.69 -7.34
CA THR G 41 9.86 -22.88 -6.56
C THR G 41 8.59 -22.61 -5.79
N PHE G 42 7.98 -23.69 -5.31
CA PHE G 42 6.80 -23.60 -4.48
C PHE G 42 6.98 -24.49 -3.25
N LYS G 43 6.20 -24.27 -2.20
CA LYS G 43 6.34 -25.12 -1.01
C LYS G 43 5.98 -26.62 -1.19
N ASN G 44 5.22 -26.96 -2.25
CA ASN G 44 4.94 -28.38 -2.55
C ASN G 44 6.18 -29.15 -3.06
N GLY G 45 7.31 -28.45 -3.14
CA GLY G 45 8.54 -29.05 -3.64
C GLY G 45 8.82 -28.88 -5.13
N ALA G 46 7.93 -28.21 -5.86
CA ALA G 46 8.11 -28.05 -7.32
C ALA G 46 9.11 -26.95 -7.66
N THR G 47 9.90 -27.19 -8.71
CA THR G 47 10.86 -26.22 -9.27
C THR G 47 10.55 -26.17 -10.76
N PHE G 48 10.36 -24.95 -11.27
CA PHE G 48 10.15 -24.73 -12.69
C PHE G 48 11.13 -23.68 -13.21
N GLN G 49 11.43 -23.76 -14.52
CA GLN G 49 12.25 -22.74 -15.16
C GLN G 49 11.49 -22.04 -16.29
N VAL G 50 12.01 -20.87 -16.67
CA VAL G 50 11.69 -20.28 -17.97
C VAL G 50 12.99 -20.41 -18.75
N GLU G 51 12.95 -21.21 -19.81
CA GLU G 51 14.13 -21.55 -20.60
C GLU G 51 14.68 -20.35 -21.35
N VAL G 52 16.01 -20.26 -21.42
CA VAL G 52 16.73 -19.21 -22.17
C VAL G 52 16.20 -18.99 -23.58
N GLN G 61 7.76 -14.11 -29.88
CA GLN G 61 7.97 -15.23 -28.95
C GLN G 61 9.06 -14.95 -27.93
N LYS G 62 10.18 -14.36 -28.37
CA LYS G 62 11.19 -13.81 -27.45
C LYS G 62 10.55 -12.80 -26.48
N LYS G 63 9.61 -12.01 -27.01
CA LYS G 63 8.85 -11.06 -26.20
C LYS G 63 8.02 -11.78 -25.16
N ALA G 64 7.42 -12.91 -25.54
CA ALA G 64 6.60 -13.68 -24.64
C ALA G 64 7.42 -14.31 -23.51
N ILE G 65 8.64 -14.77 -23.83
CA ILE G 65 9.56 -15.32 -22.82
C ILE G 65 9.89 -14.25 -21.78
N GLU G 66 10.30 -13.07 -22.27
CA GLU G 66 10.60 -11.95 -21.38
C GLU G 66 9.40 -11.50 -20.53
N ARG G 67 8.20 -11.50 -21.13
CA ARG G 67 6.97 -11.16 -20.41
C ARG G 67 6.67 -12.16 -19.28
N MET G 68 6.94 -13.44 -19.53
CA MET G 68 6.71 -14.49 -18.55
C MET G 68 7.57 -14.27 -17.34
N LYS G 69 8.84 -13.95 -17.56
CA LYS G 69 9.75 -13.63 -16.47
C LYS G 69 9.27 -12.41 -15.67
N ASP G 70 8.83 -11.37 -16.38
CA ASP G 70 8.16 -10.22 -15.78
C ASP G 70 6.95 -10.64 -14.89
N THR G 71 6.05 -11.46 -15.45
CA THR G 71 4.86 -12.00 -14.72
C THR G 71 5.25 -12.78 -13.45
N LEU G 72 6.19 -13.71 -13.60
CA LEU G 72 6.63 -14.47 -12.45
C LEU G 72 7.24 -13.58 -11.38
N ARG G 73 8.04 -12.58 -11.79
CA ARG G 73 8.62 -11.64 -10.83
C ARG G 73 7.58 -10.85 -10.04
N ILE G 74 6.65 -10.18 -10.73
CA ILE G 74 5.60 -9.42 -10.02
C ILE G 74 4.60 -10.34 -9.25
N ALA G 75 4.33 -11.53 -9.78
CA ALA G 75 3.53 -12.53 -9.04
C ALA G 75 4.23 -12.85 -7.72
N TYR G 76 5.52 -13.14 -7.80
CA TYR G 76 6.31 -13.38 -6.59
C TYR G 76 6.24 -12.21 -5.62
N LEU G 77 6.60 -11.02 -6.09
CA LEU G 77 6.65 -9.85 -5.22
C LEU G 77 5.31 -9.49 -4.56
N THR G 78 4.22 -9.80 -5.24
CA THR G 78 2.90 -9.39 -4.71
C THR G 78 2.19 -10.52 -4.01
N GLU G 79 2.87 -11.66 -3.94
CA GLU G 79 2.33 -12.87 -3.33
C GLU G 79 1.05 -13.34 -4.00
N ALA G 80 0.96 -13.11 -5.32
CA ALA G 80 -0.17 -13.59 -6.13
C ALA G 80 -0.26 -15.10 -6.17
N LYS G 81 -1.46 -15.62 -5.94
CA LYS G 81 -1.67 -17.06 -6.04
C LYS G 81 -1.58 -17.54 -7.48
N VAL G 82 -0.68 -18.49 -7.74
CA VAL G 82 -0.61 -19.14 -9.03
C VAL G 82 -1.65 -20.28 -8.99
N GLU G 83 -2.48 -20.39 -10.03
CA GLU G 83 -3.47 -21.47 -10.10
C GLU G 83 -2.86 -22.70 -10.75
N LYS G 84 -2.57 -22.59 -12.04
CA LYS G 84 -2.00 -23.68 -12.81
C LYS G 84 -0.77 -23.23 -13.59
N LEU G 85 0.12 -24.18 -13.84
CA LEU G 85 1.17 -23.97 -14.82
C LEU G 85 1.09 -25.08 -15.83
N CYS G 86 1.16 -24.69 -17.11
CA CYS G 86 1.41 -25.65 -18.16
C CYS G 86 2.93 -25.72 -18.36
N VAL G 87 3.49 -26.93 -18.36
CA VAL G 87 4.94 -27.07 -18.38
C VAL G 87 5.37 -28.15 -19.36
N TRP G 88 6.55 -27.96 -19.95
CA TRP G 88 7.20 -29.01 -20.71
C TRP G 88 7.97 -29.95 -19.76
N ASN G 89 7.58 -31.22 -19.77
CA ASN G 89 8.16 -32.19 -18.83
C ASN G 89 9.33 -33.00 -19.42
N ASN G 90 9.81 -32.60 -20.59
CA ASN G 90 11.02 -33.19 -21.19
C ASN G 90 12.27 -32.33 -20.94
N LYS G 91 12.17 -31.45 -19.94
CA LYS G 91 13.24 -30.53 -19.54
C LYS G 91 13.29 -30.55 -18.02
N THR G 92 14.47 -30.35 -17.45
CA THR G 92 14.66 -30.32 -15.98
C THR G 92 15.43 -29.04 -15.60
N PRO G 93 14.85 -28.17 -14.76
CA PRO G 93 13.48 -28.22 -14.22
C PRO G 93 12.45 -28.18 -15.36
N ASN G 94 11.25 -28.70 -15.12
CA ASN G 94 10.16 -28.57 -16.09
C ASN G 94 10.07 -27.11 -16.53
N SER G 95 9.83 -26.91 -17.83
CA SER G 95 9.86 -25.58 -18.44
C SER G 95 8.47 -25.00 -18.60
N ILE G 96 8.28 -23.75 -18.17
CA ILE G 96 6.98 -23.06 -18.18
C ILE G 96 6.49 -22.60 -19.58
N ALA G 97 5.36 -23.14 -20.02
CA ALA G 97 4.71 -22.77 -21.30
C ALA G 97 3.63 -21.72 -21.09
N ALA G 98 2.90 -21.85 -19.98
CA ALA G 98 1.82 -20.95 -19.67
C ALA G 98 1.52 -20.97 -18.19
N ILE G 99 0.86 -19.92 -17.74
CA ILE G 99 0.52 -19.72 -16.34
C ILE G 99 -0.90 -19.20 -16.20
N SER G 100 -1.63 -19.69 -15.20
CA SER G 100 -2.88 -19.05 -14.87
C SER G 100 -2.89 -18.57 -13.43
N MET G 101 -3.56 -17.45 -13.23
CA MET G 101 -3.74 -16.85 -11.92
C MET G 101 -5.22 -16.55 -11.64
N ALA G 102 -5.67 -16.99 -10.47
CA ALA G 102 -7.05 -16.82 -9.99
C ALA G 102 -6.97 -16.99 -8.48
N ALA H 1 -10.23 12.61 -32.88
CA ALA H 1 -10.25 11.16 -32.50
C ALA H 1 -11.45 10.85 -31.60
N PRO H 2 -11.77 9.55 -31.43
CA PRO H 2 -12.88 9.17 -30.53
C PRO H 2 -12.68 9.69 -29.11
N GLN H 3 -13.78 9.99 -28.41
CA GLN H 3 -13.68 10.58 -27.07
C GLN H 3 -13.93 9.56 -25.95
N ASN H 4 -14.35 8.37 -26.33
CA ASN H 4 -14.58 7.26 -25.40
C ASN H 4 -14.47 5.92 -26.12
N ILE H 5 -14.51 4.83 -25.36
CA ILE H 5 -14.34 3.49 -25.93
C ILE H 5 -15.50 3.09 -26.89
N THR H 6 -16.69 3.62 -26.63
CA THR H 6 -17.90 3.31 -27.41
C THR H 6 -17.76 3.86 -28.84
N GLU H 7 -17.46 5.17 -28.95
CA GLU H 7 -17.09 5.82 -30.21
C GLU H 7 -15.91 5.15 -30.93
N LEU H 8 -14.91 4.71 -30.15
CA LEU H 8 -13.78 4.03 -30.78
C LEU H 8 -14.22 2.68 -31.35
N CYS H 9 -15.00 1.92 -30.57
CA CYS H 9 -15.44 0.60 -31.00
C CYS H 9 -16.26 0.69 -32.28
N SER H 10 -17.09 1.73 -32.35
CA SER H 10 -17.93 2.02 -33.52
C SER H 10 -17.20 2.08 -34.85
N GLU H 11 -15.90 2.42 -34.83
CA GLU H 11 -15.10 2.52 -36.05
C GLU H 11 -14.70 1.23 -36.72
N TYR H 12 -15.00 0.10 -36.09
CA TYR H 12 -14.51 -1.20 -36.58
C TYR H 12 -15.63 -2.15 -36.89
N HIS H 13 -15.38 -3.03 -37.86
CA HIS H 13 -16.32 -4.09 -38.20
C HIS H 13 -16.11 -5.24 -37.24
N ASN H 14 -17.20 -5.96 -36.96
CA ASN H 14 -17.19 -7.20 -36.20
C ASN H 14 -16.78 -6.94 -34.74
N THR H 15 -17.20 -5.79 -34.21
CA THR H 15 -16.95 -5.43 -32.81
C THR H 15 -18.23 -5.08 -32.08
N GLN H 16 -18.22 -5.29 -30.78
CA GLN H 16 -19.25 -4.80 -29.90
C GLN H 16 -18.65 -4.38 -28.56
N ILE H 17 -19.45 -3.70 -27.76
CA ILE H 17 -19.05 -3.31 -26.42
C ILE H 17 -19.61 -4.32 -25.42
N TYR H 18 -18.75 -4.78 -24.50
CA TYR H 18 -19.22 -5.50 -23.32
C TYR H 18 -19.06 -4.56 -22.15
N THR H 19 -20.17 -4.28 -21.47
CA THR H 19 -20.11 -3.51 -20.22
C THR H 19 -19.91 -4.52 -19.12
N ILE H 20 -18.74 -4.45 -18.49
CA ILE H 20 -18.35 -5.44 -17.50
C ILE H 20 -18.59 -4.96 -16.07
N ASN H 21 -18.08 -3.77 -15.77
CA ASN H 21 -18.07 -3.15 -14.43
C ASN H 21 -17.67 -4.09 -13.28
N ASP H 22 -16.55 -4.80 -13.46
CA ASP H 22 -16.10 -5.83 -12.52
C ASP H 22 -14.59 -6.06 -12.66
N LYS H 23 -13.98 -6.56 -11.59
CA LYS H 23 -12.58 -6.93 -11.61
C LYS H 23 -12.40 -8.22 -12.38
N ILE H 24 -11.20 -8.43 -12.93
CA ILE H 24 -10.88 -9.67 -13.62
C ILE H 24 -10.83 -10.86 -12.66
N LEU H 25 -11.50 -11.96 -13.04
CA LEU H 25 -11.48 -13.18 -12.24
C LEU H 25 -10.19 -13.99 -12.38
N SER H 26 -9.71 -14.16 -13.62
CA SER H 26 -8.52 -14.93 -13.87
C SER H 26 -7.70 -14.32 -15.01
N TYR H 27 -6.38 -14.36 -14.85
CA TYR H 27 -5.47 -13.96 -15.89
C TYR H 27 -4.60 -15.15 -16.30
N THR H 28 -4.57 -15.45 -17.60
CA THR H 28 -3.77 -16.55 -18.16
C THR H 28 -2.88 -15.98 -19.27
N GLU H 29 -1.62 -16.40 -19.32
CA GLU H 29 -0.75 -16.01 -20.43
C GLU H 29 0.20 -17.12 -20.83
N SER H 30 0.57 -17.14 -22.10
CA SER H 30 1.27 -18.24 -22.70
C SER H 30 2.44 -17.74 -23.55
N LEU H 31 3.59 -18.40 -23.44
CA LEU H 31 4.74 -18.14 -24.32
C LEU H 31 4.91 -19.25 -25.35
N ALA H 32 3.95 -20.19 -25.39
CA ALA H 32 4.16 -21.38 -26.20
C ALA H 32 4.08 -21.08 -27.70
N GLY H 33 4.88 -21.77 -28.49
CA GLY H 33 4.97 -21.54 -29.95
C GLY H 33 3.59 -21.33 -30.55
N LYS H 34 3.42 -20.19 -31.24
CA LYS H 34 2.18 -19.81 -31.95
C LYS H 34 0.98 -19.59 -31.01
N ARG H 35 1.25 -19.65 -29.70
CA ARG H 35 0.19 -19.41 -28.73
C ARG H 35 0.65 -18.39 -27.73
N GLU H 36 1.41 -17.39 -28.19
CA GLU H 36 1.89 -16.29 -27.33
C GLU H 36 0.77 -15.24 -27.11
N MET H 37 -0.22 -15.62 -26.31
CA MET H 37 -1.47 -14.91 -26.09
C MET H 37 -1.84 -14.82 -24.61
N ALA H 38 -2.89 -14.05 -24.31
CA ALA H 38 -3.44 -13.93 -22.96
C ALA H 38 -4.96 -14.15 -22.94
N ILE H 39 -5.44 -14.68 -21.83
CA ILE H 39 -6.85 -14.96 -21.65
C ILE H 39 -7.31 -14.39 -20.32
N ILE H 40 -8.38 -13.61 -20.32
CA ILE H 40 -9.03 -13.21 -19.08
C ILE H 40 -10.47 -13.74 -19.00
N THR H 41 -10.92 -13.94 -17.76
CA THR H 41 -12.31 -14.29 -17.53
C THR H 41 -12.88 -13.38 -16.45
N PHE H 42 -14.22 -13.41 -16.36
CA PHE H 42 -14.98 -12.65 -15.38
C PHE H 42 -16.02 -13.54 -14.70
N LYS H 43 -16.47 -13.12 -13.51
CA LYS H 43 -17.38 -13.95 -12.72
C LYS H 43 -18.76 -14.16 -13.36
N ASN H 44 -19.07 -13.37 -14.40
CA ASN H 44 -20.33 -13.55 -15.11
C ASN H 44 -20.24 -14.59 -16.23
N GLY H 45 -19.08 -15.20 -16.41
CA GLY H 45 -18.87 -16.24 -17.43
C GLY H 45 -18.22 -15.78 -18.71
N ALA H 46 -17.84 -14.51 -18.77
CA ALA H 46 -17.18 -13.97 -19.96
C ALA H 46 -15.71 -14.38 -20.01
N THR H 47 -15.29 -14.81 -21.20
CA THR H 47 -13.92 -15.14 -21.53
C THR H 47 -13.48 -14.26 -22.70
N PHE H 48 -12.31 -13.64 -22.59
CA PHE H 48 -11.72 -12.88 -23.69
C PHE H 48 -10.23 -13.21 -23.89
N GLN H 49 -9.72 -12.98 -25.10
CA GLN H 49 -8.32 -13.16 -25.39
C GLN H 49 -7.67 -11.86 -25.86
N VAL H 50 -6.34 -11.81 -25.77
CA VAL H 50 -5.51 -10.93 -26.57
C VAL H 50 -4.71 -11.88 -27.46
N GLU H 51 -4.83 -11.72 -28.79
CA GLU H 51 -4.34 -12.68 -29.80
C GLU H 51 -2.82 -12.71 -29.96
N LYS H 62 2.11 -4.06 -32.88
CA LYS H 62 3.08 -4.79 -32.06
C LYS H 62 3.09 -4.30 -30.61
N LYS H 63 3.50 -3.05 -30.42
CA LYS H 63 3.65 -2.49 -29.08
C LYS H 63 2.31 -2.43 -28.34
N ALA H 64 1.23 -2.08 -29.05
CA ALA H 64 -0.07 -1.89 -28.42
C ALA H 64 -0.65 -3.18 -27.85
N ILE H 65 -0.42 -4.28 -28.58
CA ILE H 65 -0.81 -5.62 -28.13
C ILE H 65 -0.07 -5.96 -26.82
N GLU H 66 1.24 -5.69 -26.80
CA GLU H 66 2.08 -5.92 -25.61
C GLU H 66 1.66 -5.06 -24.42
N ARG H 67 1.41 -3.78 -24.69
CA ARG H 67 0.83 -2.87 -23.68
C ARG H 67 -0.47 -3.38 -23.10
N MET H 68 -1.35 -3.90 -23.95
CA MET H 68 -2.66 -4.43 -23.52
C MET H 68 -2.54 -5.54 -22.49
N LYS H 69 -1.67 -6.51 -22.75
CA LYS H 69 -1.45 -7.61 -21.82
C LYS H 69 -0.80 -7.09 -20.54
N ASP H 70 0.10 -6.13 -20.64
CA ASP H 70 0.61 -5.45 -19.43
C ASP H 70 -0.55 -4.86 -18.60
N THR H 71 -1.45 -4.15 -19.25
CA THR H 71 -2.58 -3.49 -18.60
C THR H 71 -3.53 -4.51 -17.95
N LEU H 72 -3.78 -5.62 -18.63
CA LEU H 72 -4.64 -6.65 -18.09
C LEU H 72 -3.99 -7.34 -16.87
N ARG H 73 -2.70 -7.64 -16.98
CA ARG H 73 -1.95 -8.22 -15.86
C ARG H 73 -2.03 -7.32 -14.62
N ILE H 74 -1.68 -6.05 -14.77
CA ILE H 74 -1.76 -5.12 -13.62
C ILE H 74 -3.19 -4.84 -13.14
N ALA H 75 -4.14 -4.75 -14.08
CA ALA H 75 -5.55 -4.64 -13.65
C ALA H 75 -5.96 -5.85 -12.80
N TYR H 76 -5.60 -7.04 -13.26
CA TYR H 76 -5.89 -8.27 -12.52
C TYR H 76 -5.23 -8.20 -11.15
N LEU H 77 -3.92 -7.96 -11.12
CA LEU H 77 -3.17 -7.96 -9.85
C LEU H 77 -3.65 -6.93 -8.84
N THR H 78 -4.14 -5.78 -9.30
CA THR H 78 -4.67 -4.73 -8.39
C THR H 78 -6.18 -4.76 -8.20
N GLU H 79 -6.86 -5.75 -8.78
CA GLU H 79 -8.31 -5.83 -8.71
C GLU H 79 -9.01 -4.59 -9.29
N ALA H 80 -8.40 -3.94 -10.28
CA ALA H 80 -9.00 -2.76 -10.90
C ALA H 80 -10.30 -3.14 -11.59
N LYS H 81 -11.33 -2.34 -11.34
CA LYS H 81 -12.63 -2.51 -12.00
C LYS H 81 -12.47 -2.18 -13.49
N VAL H 82 -12.77 -3.17 -14.33
CA VAL H 82 -12.93 -3.00 -15.78
C VAL H 82 -14.38 -2.52 -16.04
N GLU H 83 -14.50 -1.35 -16.66
CA GLU H 83 -15.78 -0.79 -17.07
C GLU H 83 -16.31 -1.49 -18.32
N LYS H 84 -15.68 -1.22 -19.46
CA LYS H 84 -16.11 -1.74 -20.76
C LYS H 84 -14.95 -2.36 -21.51
N LEU H 85 -15.26 -3.35 -22.34
CA LEU H 85 -14.34 -3.89 -23.32
C LEU H 85 -14.95 -3.76 -24.73
N CYS H 86 -14.13 -3.27 -25.66
CA CYS H 86 -14.43 -3.33 -27.08
C CYS H 86 -13.77 -4.58 -27.62
N VAL H 87 -14.59 -5.52 -28.10
CA VAL H 87 -14.07 -6.80 -28.56
C VAL H 87 -14.49 -7.12 -29.99
N TRP H 88 -13.64 -7.88 -30.69
CA TRP H 88 -14.05 -8.50 -31.96
C TRP H 88 -14.82 -9.79 -31.69
N ASN H 89 -16.00 -9.90 -32.31
CA ASN H 89 -16.88 -11.04 -32.07
C ASN H 89 -16.82 -12.11 -33.14
N ASN H 90 -15.88 -11.98 -34.08
CA ASN H 90 -15.62 -13.05 -35.04
C ASN H 90 -14.42 -13.88 -34.63
N LYS H 91 -14.18 -13.91 -33.32
CA LYS H 91 -13.12 -14.73 -32.76
C LYS H 91 -13.61 -15.40 -31.47
N THR H 92 -13.11 -16.61 -31.24
CA THR H 92 -13.41 -17.36 -30.02
C THR H 92 -12.09 -17.73 -29.32
N PRO H 93 -11.93 -17.27 -28.06
CA PRO H 93 -12.74 -16.25 -27.36
C PRO H 93 -12.75 -14.90 -28.11
N ASN H 94 -13.71 -14.04 -27.81
CA ASN H 94 -13.70 -12.67 -28.34
C ASN H 94 -12.36 -12.00 -28.02
N SER H 95 -11.92 -11.15 -28.94
CA SER H 95 -10.57 -10.65 -28.94
C SER H 95 -10.61 -9.18 -28.54
N ILE H 96 -9.83 -8.80 -27.52
CA ILE H 96 -9.89 -7.44 -26.98
C ILE H 96 -9.25 -6.43 -27.92
N ALA H 97 -10.03 -5.41 -28.29
CA ALA H 97 -9.56 -4.26 -29.07
C ALA H 97 -9.26 -3.07 -28.17
N ALA H 98 -10.08 -2.87 -27.15
CA ALA H 98 -9.88 -1.74 -26.23
C ALA H 98 -10.43 -2.08 -24.85
N ILE H 99 -9.97 -1.34 -23.86
CA ILE H 99 -10.44 -1.49 -22.49
C ILE H 99 -10.65 -0.12 -21.91
N SER H 100 -11.70 0.05 -21.12
CA SER H 100 -11.79 1.21 -20.25
C SER H 100 -11.92 0.72 -18.80
N MET H 101 -11.36 1.52 -17.89
CA MET H 101 -11.42 1.26 -16.46
C MET H 101 -11.87 2.58 -15.83
N ALA H 102 -12.81 2.50 -14.88
CA ALA H 102 -13.34 3.70 -14.19
C ALA H 102 -13.55 3.48 -12.70
N ALA I 1 16.95 24.87 -20.75
CA ALA I 1 15.67 24.12 -20.86
C ALA I 1 14.60 24.78 -19.98
N PRO I 2 13.32 24.53 -20.28
CA PRO I 2 12.27 25.06 -19.41
C PRO I 2 12.33 24.42 -18.01
N GLN I 3 11.89 25.14 -16.99
CA GLN I 3 12.06 24.72 -15.62
C GLN I 3 10.79 24.24 -14.97
N ASN I 4 9.69 24.31 -15.72
CA ASN I 4 8.40 23.80 -15.26
C ASN I 4 7.48 23.57 -16.45
N ILE I 5 6.34 22.93 -16.22
CA ILE I 5 5.40 22.56 -17.29
C ILE I 5 4.83 23.76 -18.04
N THR I 6 4.67 24.88 -17.34
CA THR I 6 4.09 26.08 -17.94
C THR I 6 5.07 26.70 -18.91
N GLU I 7 6.34 26.81 -18.48
CA GLU I 7 7.43 27.28 -19.35
C GLU I 7 7.54 26.42 -20.60
N LEU I 8 7.50 25.10 -20.42
CA LEU I 8 7.63 24.18 -21.52
C LEU I 8 6.44 24.35 -22.49
N CYS I 9 5.25 24.47 -21.91
CA CYS I 9 4.03 24.55 -22.71
C CYS I 9 4.04 25.76 -23.64
N SER I 10 4.53 26.90 -23.12
CA SER I 10 4.57 28.17 -23.85
C SER I 10 5.51 28.15 -25.04
N GLU I 11 6.39 27.16 -25.10
CA GLU I 11 7.34 27.03 -26.20
C GLU I 11 6.68 26.51 -27.47
N TYR I 12 5.42 26.08 -27.37
CA TYR I 12 4.69 25.46 -28.48
C TYR I 12 3.44 26.26 -28.90
N HIS I 13 3.17 26.28 -30.21
CA HIS I 13 1.93 26.87 -30.74
C HIS I 13 0.74 25.99 -30.42
N ASN I 14 -0.42 26.61 -30.23
CA ASN I 14 -1.68 25.87 -30.10
C ASN I 14 -1.79 25.05 -28.84
N THR I 15 -1.20 25.53 -27.75
CA THR I 15 -1.26 24.79 -26.49
C THR I 15 -1.90 25.62 -25.39
N GLN I 16 -2.46 24.93 -24.41
CA GLN I 16 -2.81 25.56 -23.15
C GLN I 16 -2.57 24.61 -22.00
N ILE I 17 -2.48 25.18 -20.78
CA ILE I 17 -2.36 24.44 -19.54
C ILE I 17 -3.73 24.27 -18.91
N TYR I 18 -4.08 23.03 -18.58
CA TYR I 18 -5.22 22.76 -17.74
C TYR I 18 -4.72 22.50 -16.33
N THR I 19 -5.30 23.18 -15.36
CA THR I 19 -4.95 22.93 -13.96
C THR I 19 -6.04 22.08 -13.36
N ILE I 20 -5.71 20.81 -13.14
CA ILE I 20 -6.68 19.78 -12.84
C ILE I 20 -6.74 19.52 -11.34
N ASN I 21 -5.56 19.34 -10.72
CA ASN I 21 -5.44 19.01 -9.30
C ASN I 21 -6.39 17.93 -8.81
N ASP I 22 -6.38 16.79 -9.48
CA ASP I 22 -7.37 15.77 -9.22
C ASP I 22 -6.81 14.47 -9.78
N LYS I 23 -7.29 13.36 -9.25
CA LYS I 23 -7.04 12.07 -9.83
C LYS I 23 -7.82 11.85 -11.17
N ILE I 24 -7.32 10.89 -11.95
CA ILE I 24 -7.94 10.48 -13.19
C ILE I 24 -9.19 9.67 -12.87
N LEU I 25 -10.32 10.07 -13.46
CA LEU I 25 -11.60 9.36 -13.32
C LEU I 25 -11.67 8.09 -14.15
N SER I 26 -11.34 8.18 -15.43
CA SER I 26 -11.29 6.97 -16.24
C SER I 26 -10.04 6.91 -17.10
N TYR I 27 -9.64 5.69 -17.40
CA TYR I 27 -8.52 5.41 -18.30
C TYR I 27 -8.97 4.41 -19.33
N THR I 28 -8.74 4.75 -20.59
CA THR I 28 -9.13 3.92 -21.71
C THR I 28 -7.91 3.72 -22.59
N GLU I 29 -7.66 2.49 -23.03
CA GLU I 29 -6.57 2.27 -23.97
C GLU I 29 -6.98 1.31 -25.10
N SER I 30 -6.43 1.53 -26.28
CA SER I 30 -6.83 0.78 -27.48
C SER I 30 -5.65 0.19 -28.18
N LEU I 31 -5.77 -1.07 -28.60
CA LEU I 31 -4.78 -1.66 -29.50
C LEU I 31 -5.27 -1.73 -30.95
N ALA I 32 -6.45 -1.17 -31.22
CA ALA I 32 -7.06 -1.30 -32.54
C ALA I 32 -6.25 -0.54 -33.58
N GLY I 33 -6.10 -1.13 -34.76
CA GLY I 33 -5.23 -0.60 -35.82
C GLY I 33 -5.57 0.84 -36.19
N LYS I 34 -4.55 1.70 -36.17
CA LYS I 34 -4.70 3.14 -36.39
C LYS I 34 -5.39 3.90 -35.24
N ARG I 35 -5.80 3.18 -34.20
CA ARG I 35 -6.36 3.81 -33.00
C ARG I 35 -5.64 3.36 -31.72
N GLU I 36 -4.33 3.21 -31.81
CA GLU I 36 -3.52 2.82 -30.66
C GLU I 36 -3.29 4.06 -29.80
N MET I 37 -4.32 4.40 -29.02
CA MET I 37 -4.34 5.66 -28.29
C MET I 37 -4.76 5.42 -26.83
N ALA I 38 -4.63 6.47 -26.03
CA ALA I 38 -5.18 6.46 -24.68
C ALA I 38 -6.10 7.66 -24.54
N ILE I 39 -7.11 7.53 -23.69
CA ILE I 39 -8.04 8.59 -23.38
C ILE I 39 -8.22 8.58 -21.87
N ILE I 40 -8.15 9.76 -21.27
CA ILE I 40 -8.43 9.90 -19.87
C ILE I 40 -9.51 10.94 -19.68
N THR I 41 -10.28 10.77 -18.61
CA THR I 41 -11.24 11.80 -18.21
C THR I 41 -11.12 12.19 -16.74
N PHE I 42 -11.63 13.36 -16.41
CA PHE I 42 -11.69 13.83 -15.03
C PHE I 42 -13.13 14.14 -14.67
N LYS I 43 -13.43 14.21 -13.37
CA LYS I 43 -14.79 14.50 -12.92
C LYS I 43 -15.31 15.91 -13.24
N ASN I 44 -14.43 16.82 -13.69
CA ASN I 44 -14.81 18.15 -14.16
C ASN I 44 -15.27 18.18 -15.61
N GLY I 45 -15.35 17.00 -16.24
CA GLY I 45 -15.86 16.89 -17.60
C GLY I 45 -14.82 16.92 -18.71
N ALA I 46 -13.53 17.04 -18.34
CA ALA I 46 -12.45 17.12 -19.34
C ALA I 46 -12.14 15.76 -19.91
N THR I 47 -11.90 15.71 -21.22
CA THR I 47 -11.43 14.49 -21.88
C THR I 47 -10.16 14.84 -22.63
N PHE I 48 -9.14 14.01 -22.50
CA PHE I 48 -7.86 14.24 -23.15
C PHE I 48 -7.42 12.92 -23.77
N GLN I 49 -6.62 13.02 -24.84
CA GLN I 49 -6.07 11.83 -25.48
C GLN I 49 -4.54 11.86 -25.53
N VAL I 50 -3.93 10.67 -25.57
CA VAL I 50 -2.58 10.55 -26.10
C VAL I 50 -2.76 10.11 -27.56
N GLU I 51 -2.29 10.97 -28.48
CA GLU I 51 -2.46 10.78 -29.92
C GLU I 51 -1.74 9.57 -30.40
N VAL I 52 -2.33 8.87 -31.39
CA VAL I 52 -1.59 7.84 -32.14
C VAL I 52 -0.33 8.48 -32.71
N PRO I 53 0.78 7.72 -32.78
CA PRO I 53 2.01 8.29 -33.35
C PRO I 53 1.85 8.64 -34.84
N ASP I 59 11.92 7.41 -33.37
CA ASP I 59 11.68 8.73 -32.83
C ASP I 59 11.82 8.71 -31.30
N SER I 60 12.54 9.71 -30.80
CA SER I 60 12.43 10.11 -29.41
C SER I 60 10.96 10.33 -29.07
N GLN I 61 10.18 10.75 -30.07
CA GLN I 61 8.78 11.10 -29.87
C GLN I 61 7.88 9.87 -29.74
N LYS I 62 8.17 8.82 -30.50
CA LYS I 62 7.46 7.54 -30.39
C LYS I 62 7.62 6.94 -28.98
N LYS I 63 8.85 6.87 -28.50
CA LYS I 63 9.12 6.37 -27.15
C LYS I 63 8.44 7.23 -26.07
N ALA I 64 8.40 8.54 -26.28
CA ALA I 64 7.80 9.44 -25.30
C ALA I 64 6.27 9.29 -25.22
N ILE I 65 5.65 9.00 -26.37
CA ILE I 65 4.24 8.69 -26.42
C ILE I 65 3.89 7.42 -25.64
N GLU I 66 4.72 6.40 -25.81
CA GLU I 66 4.60 5.13 -25.10
C GLU I 66 4.77 5.36 -23.60
N ARG I 67 5.77 6.17 -23.25
CA ARG I 67 6.01 6.54 -21.87
C ARG I 67 4.79 7.26 -21.28
N MET I 68 4.23 8.21 -22.01
CA MET I 68 3.06 8.97 -21.52
C MET I 68 1.92 8.02 -21.14
N LYS I 69 1.64 7.05 -22.02
CA LYS I 69 0.62 6.06 -21.77
C LYS I 69 0.91 5.23 -20.52
N ASP I 70 2.18 4.86 -20.34
CA ASP I 70 2.61 4.18 -19.11
C ASP I 70 2.32 5.05 -17.89
N THR I 71 2.62 6.34 -17.99
CA THR I 71 2.42 7.29 -16.90
C THR I 71 0.95 7.44 -16.55
N LEU I 72 0.10 7.59 -17.56
CA LEU I 72 -1.32 7.72 -17.31
C LEU I 72 -1.89 6.45 -16.70
N ARG I 73 -1.46 5.28 -17.17
CA ARG I 73 -1.99 4.03 -16.64
C ARG I 73 -1.67 3.92 -15.16
N ILE I 74 -0.42 4.22 -14.80
CA ILE I 74 0.00 4.06 -13.39
C ILE I 74 -0.58 5.14 -12.48
N ALA I 75 -0.61 6.40 -12.98
CA ALA I 75 -1.29 7.48 -12.29
C ALA I 75 -2.74 7.08 -11.99
N TYR I 76 -3.39 6.49 -12.99
CA TYR I 76 -4.79 6.12 -12.85
C TYR I 76 -4.92 5.07 -11.75
N LEU I 77 -4.13 4.01 -11.84
CA LEU I 77 -4.23 2.88 -10.90
C LEU I 77 -3.81 3.21 -9.46
N THR I 78 -2.93 4.19 -9.30
CA THR I 78 -2.46 4.57 -7.96
C THR I 78 -3.22 5.78 -7.43
N GLU I 79 -4.21 6.24 -8.21
CA GLU I 79 -4.95 7.48 -7.93
C GLU I 79 -4.08 8.71 -7.64
N ALA I 80 -2.93 8.78 -8.30
CA ALA I 80 -2.01 9.90 -8.18
C ALA I 80 -2.65 11.20 -8.70
N LYS I 81 -2.56 12.26 -7.90
CA LYS I 81 -3.10 13.56 -8.30
C LYS I 81 -2.29 14.14 -9.46
N VAL I 82 -3.01 14.52 -10.51
CA VAL I 82 -2.47 15.17 -11.67
C VAL I 82 -2.57 16.65 -11.38
N GLU I 83 -1.46 17.36 -11.54
CA GLU I 83 -1.46 18.79 -11.23
C GLU I 83 -1.95 19.58 -12.42
N LYS I 84 -1.11 19.61 -13.46
CA LYS I 84 -1.41 20.28 -14.70
C LYS I 84 -1.24 19.37 -15.91
N LEU I 85 -1.96 19.69 -16.98
CA LEU I 85 -1.67 19.11 -18.28
C LEU I 85 -1.38 20.22 -19.26
N CYS I 86 -0.35 20.01 -20.08
CA CYS I 86 -0.12 20.86 -21.24
C CYS I 86 -0.72 20.15 -22.45
N VAL I 87 -1.65 20.80 -23.13
CA VAL I 87 -2.38 20.12 -24.19
C VAL I 87 -2.38 20.93 -25.48
N TRP I 88 -2.47 20.24 -26.62
CA TRP I 88 -2.78 20.86 -27.90
C TRP I 88 -4.29 20.94 -28.04
N ASN I 89 -4.79 22.17 -28.18
CA ASN I 89 -6.22 22.46 -28.31
C ASN I 89 -6.70 22.54 -29.76
N ASN I 90 -5.83 22.19 -30.70
CA ASN I 90 -6.25 22.01 -32.10
C ASN I 90 -6.61 20.55 -32.41
N LYS I 91 -6.89 19.77 -31.37
CA LYS I 91 -7.30 18.37 -31.52
C LYS I 91 -8.48 18.13 -30.61
N THR I 92 -9.28 17.11 -30.95
CA THR I 92 -10.43 16.75 -30.14
C THR I 92 -10.44 15.23 -30.00
N PRO I 93 -10.33 14.71 -28.75
CA PRO I 93 -10.12 15.44 -27.50
C PRO I 93 -8.80 16.18 -27.56
N ASN I 94 -8.61 17.19 -26.72
CA ASN I 94 -7.30 17.85 -26.64
C ASN I 94 -6.21 16.81 -26.43
N SER I 95 -5.04 17.07 -27.00
CA SER I 95 -3.97 16.10 -27.06
C SER I 95 -2.86 16.46 -26.03
N ILE I 96 -2.53 15.50 -25.17
CA ILE I 96 -1.56 15.73 -24.09
C ILE I 96 -0.13 15.84 -24.60
N ALA I 97 0.53 16.97 -24.33
CA ALA I 97 1.95 17.19 -24.62
C ALA I 97 2.87 16.93 -23.42
N ALA I 98 2.39 17.29 -22.23
CA ALA I 98 3.16 17.19 -20.98
C ALA I 98 2.18 17.05 -19.82
N ILE I 99 2.67 16.50 -18.71
CA ILE I 99 1.85 16.30 -17.51
C ILE I 99 2.74 16.60 -16.32
N SER I 100 2.16 17.19 -15.27
CA SER I 100 2.86 17.35 -13.99
C SER I 100 2.02 16.73 -12.89
N MET I 101 2.70 16.09 -11.94
CA MET I 101 2.06 15.42 -10.80
C MET I 101 2.64 15.97 -9.51
N ALA I 102 1.75 16.28 -8.58
CA ALA I 102 2.11 16.93 -7.31
C ALA I 102 0.85 16.84 -6.44
N ALA J 1 35.72 -0.40 -10.77
CA ALA J 1 34.72 0.67 -11.02
C ALA J 1 34.38 1.42 -9.72
N PRO J 2 33.73 2.59 -9.83
CA PRO J 2 33.24 3.33 -8.66
C PRO J 2 32.29 2.49 -7.79
N GLN J 3 32.29 2.76 -6.48
CA GLN J 3 31.52 1.95 -5.53
C GLN J 3 30.47 2.76 -4.81
N ASN J 4 30.37 4.02 -5.20
CA ASN J 4 29.37 4.94 -4.67
C ASN J 4 29.16 6.13 -5.60
N ILE J 5 28.03 6.81 -5.43
CA ILE J 5 27.66 7.93 -6.31
C ILE J 5 28.64 9.12 -6.28
N THR J 6 29.25 9.36 -5.13
CA THR J 6 30.20 10.47 -5.02
C THR J 6 31.46 10.22 -5.85
N GLU J 7 32.01 9.00 -5.75
CA GLU J 7 33.17 8.60 -6.56
C GLU J 7 32.84 8.65 -8.04
N LEU J 8 31.69 8.06 -8.38
CA LEU J 8 31.27 8.01 -9.76
C LEU J 8 31.23 9.43 -10.29
N CYS J 9 30.58 10.33 -9.54
CA CYS J 9 30.30 11.69 -9.99
C CYS J 9 31.60 12.41 -10.35
N SER J 10 32.62 12.20 -9.50
CA SER J 10 33.95 12.79 -9.65
C SER J 10 34.70 12.38 -10.91
N GLU J 11 34.29 11.29 -11.56
CA GLU J 11 34.97 10.87 -12.78
C GLU J 11 34.50 11.66 -14.00
N TYR J 12 33.54 12.55 -13.76
CA TYR J 12 32.91 13.35 -14.82
C TYR J 12 33.14 14.84 -14.58
N HIS J 13 33.17 15.61 -15.67
CA HIS J 13 33.48 17.02 -15.55
C HIS J 13 32.19 17.81 -15.46
N ASN J 14 32.26 18.97 -14.82
CA ASN J 14 31.11 19.89 -14.68
C ASN J 14 29.94 19.25 -13.92
N THR J 15 30.27 18.42 -12.94
CA THR J 15 29.25 17.81 -12.10
C THR J 15 29.39 18.26 -10.67
N GLN J 16 28.34 18.03 -9.89
CA GLN J 16 28.38 18.18 -8.44
C GLN J 16 27.34 17.26 -7.82
N ILE J 17 27.54 16.98 -6.53
CA ILE J 17 26.57 16.26 -5.74
C ILE J 17 25.65 17.25 -5.07
N TYR J 18 24.34 16.98 -5.16
CA TYR J 18 23.36 17.51 -4.23
C TYR J 18 22.94 16.41 -3.25
N THR J 19 23.04 16.68 -1.95
CA THR J 19 22.52 15.75 -0.94
C THR J 19 21.10 16.21 -0.63
N ILE J 20 20.13 15.38 -0.98
CA ILE J 20 18.71 15.75 -0.92
C ILE J 20 18.07 15.16 0.33
N ASN J 21 18.21 13.85 0.52
CA ASN J 21 17.57 13.11 1.61
C ASN J 21 16.10 13.49 1.80
N ASP J 22 15.33 13.39 0.73
CA ASP J 22 13.92 13.79 0.73
C ASP J 22 13.23 13.14 -0.48
N LYS J 23 11.93 12.92 -0.36
CA LYS J 23 11.13 12.45 -1.49
C LYS J 23 10.95 13.56 -2.54
N ILE J 24 10.63 13.15 -3.75
CA ILE J 24 10.38 14.12 -4.84
C ILE J 24 9.06 14.84 -4.58
N LEU J 25 9.07 16.16 -4.69
CA LEU J 25 7.84 16.98 -4.52
C LEU J 25 6.91 16.95 -5.74
N SER J 26 7.50 17.03 -6.95
CA SER J 26 6.74 17.01 -8.21
C SER J 26 7.52 16.31 -9.32
N TYR J 27 6.77 15.66 -10.21
CA TYR J 27 7.28 14.95 -11.38
C TYR J 27 6.52 15.45 -12.60
N THR J 28 7.28 15.91 -13.60
CA THR J 28 6.75 16.39 -14.88
C THR J 28 7.45 15.60 -15.99
N GLU J 29 6.69 15.25 -17.05
CA GLU J 29 7.27 14.64 -18.24
C GLU J 29 6.52 15.12 -19.49
N SER J 30 7.27 15.24 -20.59
CA SER J 30 6.79 15.84 -21.81
C SER J 30 7.09 14.89 -22.97
N LEU J 31 6.15 14.76 -23.90
CA LEU J 31 6.40 14.06 -25.17
C LEU J 31 6.61 15.02 -26.36
N ALA J 32 6.66 16.32 -26.10
CA ALA J 32 6.72 17.34 -27.14
C ALA J 32 8.08 17.41 -27.83
N GLY J 33 8.05 17.62 -29.14
CA GLY J 33 9.22 17.45 -30.01
C GLY J 33 10.43 18.20 -29.53
N LYS J 34 11.57 17.50 -29.47
CA LYS J 34 12.86 17.99 -28.94
C LYS J 34 12.80 18.54 -27.51
N ARG J 35 11.78 18.14 -26.77
CA ARG J 35 11.69 18.42 -25.32
C ARG J 35 11.10 17.22 -24.61
N GLU J 36 11.49 16.00 -25.00
CA GLU J 36 10.92 14.78 -24.36
C GLU J 36 11.59 14.56 -22.98
N MET J 37 11.59 15.60 -22.17
CA MET J 37 12.32 15.65 -20.91
C MET J 37 11.44 15.34 -19.70
N ALA J 38 12.10 15.08 -18.57
CA ALA J 38 11.45 15.00 -17.27
C ALA J 38 12.01 16.10 -16.40
N ILE J 39 11.19 16.59 -15.47
CA ILE J 39 11.61 17.61 -14.51
C ILE J 39 11.17 17.14 -13.13
N ILE J 40 12.05 17.27 -12.12
CA ILE J 40 11.61 16.99 -10.74
C ILE J 40 11.89 18.19 -9.87
N THR J 41 11.10 18.37 -8.81
CA THR J 41 11.37 19.41 -7.83
C THR J 41 11.38 18.81 -6.43
N PHE J 42 11.98 19.54 -5.50
CA PHE J 42 12.02 19.14 -4.09
C PHE J 42 11.53 20.30 -3.22
N LYS J 43 11.08 20.00 -2.00
CA LYS J 43 10.55 21.07 -1.17
C LYS J 43 11.60 22.12 -0.79
N ASN J 44 12.88 21.73 -0.84
CA ASN J 44 14.01 22.65 -0.55
C ASN J 44 14.25 23.67 -1.66
N GLY J 45 13.49 23.56 -2.76
CA GLY J 45 13.54 24.53 -3.84
C GLY J 45 14.35 24.14 -5.07
N ALA J 46 14.89 22.91 -5.09
CA ALA J 46 15.72 22.48 -6.21
C ALA J 46 14.87 21.94 -7.33
N THR J 47 15.31 22.21 -8.56
CA THR J 47 14.71 21.72 -9.79
C THR J 47 15.78 21.04 -10.62
N PHE J 48 15.50 19.83 -11.08
CA PHE J 48 16.42 19.09 -11.93
C PHE J 48 15.72 18.53 -13.17
N GLN J 49 16.48 18.27 -14.24
CA GLN J 49 15.91 17.70 -15.46
C GLN J 49 16.58 16.40 -15.81
N VAL J 50 15.88 15.53 -16.52
CA VAL J 50 16.56 14.55 -17.32
C VAL J 50 16.60 15.19 -18.72
N GLU J 51 17.80 15.52 -19.17
CA GLU J 51 17.94 16.23 -20.45
C GLU J 51 17.66 15.32 -21.65
N VAL J 52 16.73 15.74 -22.50
CA VAL J 52 16.42 15.05 -23.76
C VAL J 52 16.13 16.13 -24.83
N PRO J 53 16.89 16.12 -25.96
CA PRO J 53 17.98 15.19 -26.23
C PRO J 53 19.17 15.43 -25.31
N GLY J 54 19.88 14.37 -24.96
CA GLY J 54 20.97 14.44 -24.00
C GLY J 54 22.20 15.00 -24.69
N SER J 55 23.17 15.42 -23.89
CA SER J 55 24.39 16.01 -24.39
C SER J 55 25.46 14.95 -24.52
N GLN J 56 25.02 13.68 -24.51
CA GLN J 56 25.87 12.50 -24.31
C GLN J 56 27.06 12.18 -25.25
N HIS J 57 26.95 11.94 -26.56
CA HIS J 57 25.81 11.84 -27.50
C HIS J 57 26.04 10.41 -28.03
N ILE J 58 25.54 9.41 -27.33
CA ILE J 58 25.84 8.01 -27.67
C ILE J 58 24.56 7.20 -27.60
N ASP J 59 24.29 6.48 -28.69
CA ASP J 59 23.05 5.73 -28.86
C ASP J 59 22.79 4.76 -27.72
N SER J 60 23.87 4.17 -27.23
CA SER J 60 23.77 3.19 -26.18
C SER J 60 23.34 3.82 -24.86
N GLN J 61 23.26 5.15 -24.82
CA GLN J 61 22.85 5.87 -23.63
C GLN J 61 21.39 6.24 -23.61
N LYS J 62 20.68 6.08 -24.74
CA LYS J 62 19.24 6.30 -24.78
C LYS J 62 18.51 5.43 -23.74
N LYS J 63 18.78 4.12 -23.75
CA LYS J 63 18.20 3.18 -22.77
C LYS J 63 18.39 3.64 -21.32
N ALA J 64 19.54 4.25 -21.03
CA ALA J 64 19.84 4.76 -19.69
C ALA J 64 19.03 6.02 -19.33
N ILE J 65 18.72 6.82 -20.34
CA ILE J 65 17.87 8.01 -20.15
C ILE J 65 16.44 7.57 -19.86
N GLU J 66 15.99 6.51 -20.53
CA GLU J 66 14.65 5.96 -20.35
C GLU J 66 14.53 5.37 -18.95
N ARG J 67 15.59 4.66 -18.52
CA ARG J 67 15.63 4.03 -17.21
C ARG J 67 15.54 5.10 -16.14
N MET J 68 16.32 6.18 -16.27
CA MET J 68 16.30 7.26 -15.28
C MET J 68 14.91 7.89 -15.15
N LYS J 69 14.24 8.11 -16.28
CA LYS J 69 12.88 8.64 -16.23
C LYS J 69 11.90 7.67 -15.56
N ASP J 70 12.05 6.36 -15.82
CA ASP J 70 11.27 5.31 -15.13
C ASP J 70 11.51 5.32 -13.62
N THR J 71 12.77 5.42 -13.24
CA THR J 71 13.17 5.44 -11.85
C THR J 71 12.62 6.64 -11.14
N LEU J 72 12.71 7.81 -11.77
CA LEU J 72 12.19 9.03 -11.16
C LEU J 72 10.66 8.99 -11.02
N ARG J 73 9.97 8.41 -12.00
CA ARG J 73 8.49 8.31 -11.89
C ARG J 73 8.09 7.38 -10.74
N ILE J 74 8.74 6.21 -10.61
CA ILE J 74 8.39 5.26 -9.56
C ILE J 74 8.81 5.75 -8.18
N ALA J 75 9.97 6.43 -8.10
CA ALA J 75 10.41 7.07 -6.86
C ALA J 75 9.39 8.12 -6.41
N TYR J 76 8.97 8.95 -7.34
CA TYR J 76 7.94 9.94 -7.04
C TYR J 76 6.66 9.28 -6.53
N LEU J 77 6.17 8.26 -7.24
CA LEU J 77 4.87 7.67 -6.90
C LEU J 77 4.88 6.85 -5.60
N THR J 78 6.02 6.22 -5.32
CA THR J 78 6.19 5.50 -4.05
C THR J 78 6.73 6.36 -2.90
N GLU J 79 6.99 7.66 -3.14
CA GLU J 79 7.52 8.57 -2.11
C GLU J 79 8.89 8.06 -1.57
N ALA J 80 9.67 7.51 -2.48
CA ALA J 80 10.96 6.97 -2.11
C ALA J 80 11.92 8.11 -1.76
N LYS J 81 12.63 7.96 -0.64
CA LYS J 81 13.58 9.01 -0.24
C LYS J 81 14.76 9.02 -1.21
N VAL J 82 15.06 10.19 -1.77
CA VAL J 82 16.23 10.35 -2.66
C VAL J 82 17.38 10.77 -1.78
N GLU J 83 18.48 10.02 -1.81
CA GLU J 83 19.63 10.36 -0.99
C GLU J 83 20.43 11.47 -1.67
N LYS J 84 21.10 11.12 -2.76
CA LYS J 84 21.92 12.09 -3.51
C LYS J 84 21.58 12.07 -5.02
N LEU J 85 21.90 13.19 -5.66
CA LEU J 85 21.85 13.34 -7.10
C LEU J 85 23.20 13.84 -7.57
N CYS J 86 23.73 13.17 -8.60
CA CYS J 86 24.90 13.68 -9.31
C CYS J 86 24.35 14.44 -10.52
N VAL J 87 24.72 15.71 -10.65
CA VAL J 87 24.17 16.52 -11.72
C VAL J 87 25.23 17.29 -12.52
N TRP J 88 24.98 17.43 -13.82
CA TRP J 88 25.75 18.37 -14.62
C TRP J 88 25.19 19.76 -14.29
N ASN J 89 26.02 20.58 -13.64
CA ASN J 89 25.57 21.92 -13.24
C ASN J 89 25.88 23.06 -14.22
N ASN J 90 26.34 22.73 -15.42
CA ASN J 90 26.41 23.73 -16.48
C ASN J 90 25.08 23.91 -17.25
N LYS J 91 24.09 23.06 -16.95
CA LYS J 91 22.78 23.13 -17.56
C LYS J 91 21.74 23.73 -16.62
N THR J 92 20.66 24.23 -17.20
CA THR J 92 19.55 24.81 -16.46
C THR J 92 18.24 24.20 -17.02
N PRO J 93 17.47 23.48 -16.17
CA PRO J 93 17.80 23.06 -14.80
C PRO J 93 19.05 22.17 -14.80
N ASN J 94 19.71 22.03 -13.65
CA ASN J 94 20.83 21.09 -13.56
C ASN J 94 20.37 19.72 -14.05
N SER J 95 21.24 19.01 -14.77
CA SER J 95 20.88 17.79 -15.46
C SER J 95 21.37 16.55 -14.71
N ILE J 96 20.45 15.64 -14.46
CA ILE J 96 20.72 14.43 -13.67
C ILE J 96 21.58 13.42 -14.42
N ALA J 97 22.74 13.12 -13.82
CA ALA J 97 23.67 12.09 -14.26
C ALA J 97 23.53 10.77 -13.51
N ALA J 98 23.30 10.85 -12.19
CA ALA J 98 23.14 9.67 -11.37
C ALA J 98 22.25 10.01 -10.19
N ILE J 99 21.63 8.97 -9.64
CA ILE J 99 20.78 9.06 -8.45
C ILE J 99 21.14 7.93 -7.51
N SER J 100 21.10 8.24 -6.21
CA SER J 100 21.11 7.22 -5.18
C SER J 100 19.91 7.36 -4.26
N MET J 101 19.42 6.21 -3.84
CA MET J 101 18.30 6.10 -2.91
C MET J 101 18.71 5.18 -1.76
N ALA J 102 18.38 5.59 -0.53
CA ALA J 102 18.75 4.84 0.68
C ALA J 102 17.71 5.14 1.75
#